data_9HIR
#
_entry.id   9HIR
#
_cell.length_a   1.00
_cell.length_b   1.00
_cell.length_c   1.00
_cell.angle_alpha   90.00
_cell.angle_beta   90.00
_cell.angle_gamma   90.00
#
_symmetry.space_group_name_H-M   'P 1'
#
loop_
_entity.id
_entity.type
_entity.pdbx_description
1 polymer 'tRNA uridine 5-carboxymethylaminomethyl modification enzyme MnmG'
2 non-polymer 'FLAVIN-ADENINE DINUCLEOTIDE'
#
_entity_poly.entity_id   1
_entity_poly.type   'polypeptide(L)'
_entity_poly.pdbx_seq_one_letter_code
;MGSSHHHHHHSSGENLYFQGMFYPDPFDVIIIGGGHAGTEAAMAAARMGQQTLLLTHNIDTLGQMSCNPAIGGIGKGHLV
KEVDALGGLMAKAIDQAGIQFRILNASKGPAVRATRAQADRVLYRQAVRTALENQPNLMIFQQAVEDLIVENDRVVGAVT
QMGLKFRAKAVVLTVGTFLDGKIHIGLDNYSGGRAGDPPSIPLSRRLRELPLRVGRLKTGTPPRIDARTIDFSVLAQQHG
DNPMPVFSFMGNASQHPQQVPCYITHTNEKTHDVIRSNLDRSPMYAGVIEGVGPRYCPSIEDKVMRFADRNQHQIFLEPE
GLTSNEIYPNGISTSLPFDVQMQIVRSMQGMENAKIVRPGYAIEYDFFDPRDLKPTLESKFIQGLFFAGQINGTTGYEEA
AAQGLLAGLNAARLSADKEGWAPARSQAYLGVLVDDLCTLGTKEPYRMFTSRAEYRLMLREDNADLRLTEIGRELGLVDD
ERWARFNEKLENIERERQRLKSTWVTPSAEAAAEVNAHLTAPLSREASGEDLLRRPEMTYEKLTTLTPFAPALTDEQAAE
QVEIQVKYEGYIARQQDEIEKQLRNENTLLPATLDYRQVSGLSNEVIAKLNDHKPASIGQASRISGVTPAAISILLVWLK
KQGMLRRSA
;
_entity_poly.pdbx_strand_id   C,D
#
loop_
_chem_comp.id
_chem_comp.type
_chem_comp.name
_chem_comp.formula
FAD non-polymer 'FLAVIN-ADENINE DINUCLEOTIDE' 'C27 H33 N9 O15 P2'
#
# COMPACT_ATOMS: atom_id res chain seq x y z
N MET A 21 18.09 24.46 8.19
CA MET A 21 16.98 25.05 7.46
C MET A 21 17.14 24.85 5.95
N PHE A 22 18.06 25.60 5.36
CA PHE A 22 18.30 25.48 3.93
C PHE A 22 19.04 24.19 3.63
N TYR A 23 18.54 23.43 2.66
CA TYR A 23 19.19 22.19 2.26
C TYR A 23 20.42 22.53 1.42
N PRO A 24 21.56 21.89 1.67
CA PRO A 24 22.83 22.34 1.07
C PRO A 24 23.02 21.99 -0.40
N ASP A 25 22.01 21.49 -1.10
CA ASP A 25 22.12 21.19 -2.53
C ASP A 25 20.97 21.84 -3.27
N PRO A 26 21.22 22.71 -4.25
CA PRO A 26 20.14 23.25 -5.06
C PRO A 26 19.76 22.31 -6.19
N PHE A 27 18.46 22.21 -6.46
CA PHE A 27 17.94 21.34 -7.49
C PHE A 27 17.41 22.13 -8.67
N ASP A 28 17.21 21.43 -9.78
CA ASP A 28 16.69 22.08 -10.98
C ASP A 28 15.18 22.28 -10.89
N VAL A 29 14.44 21.21 -10.63
CA VAL A 29 12.99 21.27 -10.53
C VAL A 29 12.52 20.47 -9.31
N ILE A 30 11.51 21.00 -8.64
CA ILE A 30 10.88 20.36 -7.48
C ILE A 30 9.41 20.13 -7.83
N ILE A 31 8.98 18.88 -7.74
CA ILE A 31 7.57 18.53 -7.88
C ILE A 31 7.01 18.29 -6.49
N ILE A 32 5.84 18.87 -6.22
CA ILE A 32 5.16 18.74 -4.95
C ILE A 32 3.94 17.86 -5.18
N GLY A 33 4.06 16.58 -4.81
CA GLY A 33 2.94 15.66 -4.95
C GLY A 33 3.18 14.57 -5.98
N GLY A 34 3.52 13.38 -5.51
CA GLY A 34 3.71 12.24 -6.39
C GLY A 34 2.48 11.39 -6.61
N GLY A 35 1.50 11.93 -7.34
CA GLY A 35 0.29 11.19 -7.62
C GLY A 35 0.26 10.61 -9.03
N HIS A 36 -0.71 11.04 -9.83
CA HIS A 36 -0.76 10.62 -11.22
C HIS A 36 -0.09 11.62 -12.16
N ALA A 37 0.01 12.88 -11.77
CA ALA A 37 0.72 13.89 -12.54
C ALA A 37 2.14 14.12 -12.06
N GLY A 38 2.38 14.02 -10.76
CA GLY A 38 3.70 14.28 -10.23
C GLY A 38 4.73 13.26 -10.69
N THR A 39 4.34 11.98 -10.75
CA THR A 39 5.26 10.93 -11.18
C THR A 39 5.69 11.17 -12.62
N GLU A 40 4.75 11.49 -13.51
CA GLU A 40 5.11 11.75 -14.90
C GLU A 40 6.02 12.97 -15.01
N ALA A 41 5.73 14.02 -14.25
CA ALA A 41 6.56 15.21 -14.26
C ALA A 41 7.98 14.89 -13.82
N ALA A 42 8.11 14.12 -12.73
CA ALA A 42 9.43 13.77 -12.24
C ALA A 42 10.20 12.90 -13.23
N MET A 43 9.53 11.91 -13.84
CA MET A 43 10.19 11.07 -14.81
C MET A 43 10.65 11.88 -16.03
N ALA A 44 9.79 12.77 -16.52
CA ALA A 44 10.16 13.59 -17.68
C ALA A 44 11.32 14.52 -17.34
N ALA A 45 11.30 15.13 -16.16
CA ALA A 45 12.36 16.05 -15.78
C ALA A 45 13.68 15.33 -15.57
N ALA A 46 13.66 14.18 -14.90
CA ALA A 46 14.90 13.46 -14.63
C ALA A 46 15.48 12.85 -15.91
N ARG A 47 14.62 12.29 -16.77
CA ARG A 47 15.11 11.69 -18.01
C ARG A 47 15.72 12.73 -18.95
N MET A 48 15.36 14.01 -18.78
CA MET A 48 15.95 15.08 -19.56
C MET A 48 17.25 15.61 -18.96
N GLY A 49 17.89 14.84 -18.09
CA GLY A 49 19.18 15.22 -17.54
C GLY A 49 19.19 16.44 -16.66
N GLN A 50 18.19 16.59 -15.80
CA GLN A 50 18.13 17.68 -14.84
C GLN A 50 17.86 17.11 -13.45
N GLN A 51 18.58 17.64 -12.45
CA GLN A 51 18.40 17.17 -11.08
C GLN A 51 16.99 17.45 -10.59
N THR A 52 16.26 16.39 -10.29
CA THR A 52 14.83 16.46 -9.98
C THR A 52 14.58 16.01 -8.55
N LEU A 53 13.70 16.73 -7.86
CA LEU A 53 13.34 16.38 -6.49
C LEU A 53 11.82 16.26 -6.39
N LEU A 54 11.36 15.22 -5.69
CA LEU A 54 9.92 14.93 -5.59
C LEU A 54 9.51 14.84 -4.13
N LEU A 55 8.68 15.78 -3.68
CA LEU A 55 8.16 15.77 -2.31
C LEU A 55 6.77 15.14 -2.29
N THR A 56 6.53 14.25 -1.33
CA THR A 56 5.23 13.61 -1.21
C THR A 56 4.85 13.47 0.25
N HIS A 57 3.55 13.32 0.51
CA HIS A 57 3.09 12.98 1.86
C HIS A 57 3.76 11.71 2.35
N ASN A 58 3.49 10.60 1.67
CA ASN A 58 3.82 9.30 2.20
C ASN A 58 3.99 8.34 1.02
N ILE A 59 4.88 7.38 1.18
CA ILE A 59 5.23 6.46 0.11
C ILE A 59 4.43 5.17 0.33
N ASP A 60 4.43 4.30 -0.69
CA ASP A 60 3.60 3.11 -0.85
C ASP A 60 2.22 3.50 -1.33
N THR A 61 1.93 4.79 -1.48
CA THR A 61 0.72 5.27 -2.14
C THR A 61 0.97 5.68 -3.58
N LEU A 62 2.20 5.53 -4.07
CA LEU A 62 2.52 5.89 -5.44
C LEU A 62 1.81 4.94 -6.41
N GLY A 63 0.95 5.49 -7.26
CA GLY A 63 0.15 4.67 -8.15
C GLY A 63 -1.16 4.20 -7.57
N GLN A 64 -1.62 4.78 -6.48
CA GLN A 64 -2.88 4.39 -5.88
C GLN A 64 -4.05 4.86 -6.74
N MET A 65 -5.04 3.99 -6.91
CA MET A 65 -6.26 4.30 -7.65
C MET A 65 -7.39 4.45 -6.64
N SER A 66 -7.87 5.69 -6.47
CA SER A 66 -8.89 6.00 -5.50
C SER A 66 -10.30 5.97 -6.08
N CYS A 67 -10.46 5.39 -7.27
CA CYS A 67 -11.75 5.34 -7.94
C CYS A 67 -11.81 4.04 -8.73
N ASN A 68 -12.72 3.97 -9.71
CA ASN A 68 -12.89 2.83 -10.60
C ASN A 68 -11.54 2.30 -11.09
N PRO A 69 -11.18 1.07 -10.72
CA PRO A 69 -9.86 0.55 -11.12
C PRO A 69 -9.81 0.18 -12.60
N ALA A 70 -9.92 1.17 -13.46
CA ALA A 70 -9.88 0.97 -14.91
C ALA A 70 -8.97 2.01 -15.54
N ILE A 71 -8.38 1.66 -16.67
CA ILE A 71 -7.45 2.52 -17.40
C ILE A 71 -7.89 2.58 -18.85
N GLY A 72 -7.92 3.79 -19.40
CA GLY A 72 -8.29 3.97 -20.79
C GLY A 72 -9.78 4.13 -20.99
N GLY A 73 -10.16 4.19 -22.26
CA GLY A 73 -11.54 4.36 -22.66
C GLY A 73 -11.61 5.32 -23.82
N ILE A 74 -12.82 5.80 -24.10
CA ILE A 74 -13.05 6.74 -25.19
C ILE A 74 -12.52 8.11 -24.76
N GLY A 75 -11.46 8.56 -25.41
CA GLY A 75 -10.83 9.83 -25.09
C GLY A 75 -9.74 9.75 -24.04
N LYS A 76 -9.69 8.65 -23.29
CA LYS A 76 -8.65 8.45 -22.28
C LYS A 76 -7.50 7.58 -22.79
N GLY A 77 -7.79 6.59 -23.64
CA GLY A 77 -6.73 5.80 -24.23
C GLY A 77 -5.81 6.62 -25.12
N HIS A 78 -6.35 7.64 -25.79
CA HIS A 78 -5.54 8.51 -26.62
C HIS A 78 -4.48 9.23 -25.79
N LEU A 79 -4.87 9.73 -24.62
CA LEU A 79 -3.91 10.39 -23.74
C LEU A 79 -2.85 9.41 -23.26
N VAL A 80 -3.25 8.17 -22.94
CA VAL A 80 -2.29 7.16 -22.51
C VAL A 80 -1.29 6.90 -23.63
N LYS A 81 -1.77 6.78 -24.87
CA LYS A 81 -0.86 6.54 -25.99
C LYS A 81 0.08 7.71 -26.21
N GLU A 82 -0.43 8.94 -26.04
CA GLU A 82 0.43 10.11 -26.17
C GLU A 82 1.52 10.13 -25.10
N VAL A 83 1.16 9.80 -23.86
CA VAL A 83 2.15 9.74 -22.79
C VAL A 83 3.19 8.66 -23.08
N ASP A 84 2.74 7.50 -23.54
CA ASP A 84 3.67 6.41 -23.83
C ASP A 84 4.62 6.78 -24.97
N ALA A 85 4.10 7.39 -26.03
CA ALA A 85 4.92 7.71 -27.19
C ALA A 85 6.00 8.73 -26.87
N LEU A 86 5.81 9.54 -25.83
CA LEU A 86 6.75 10.58 -25.46
C LEU A 86 7.62 10.17 -24.27
N GLY A 87 7.47 8.95 -23.78
CA GLY A 87 8.34 8.44 -22.73
C GLY A 87 7.69 8.38 -21.36
N GLY A 88 6.41 7.99 -21.32
CA GLY A 88 5.69 7.93 -20.07
C GLY A 88 5.77 6.57 -19.39
N LEU A 89 5.07 6.46 -18.26
CA LEU A 89 5.05 5.26 -17.45
C LEU A 89 3.67 4.64 -17.30
N MET A 90 2.60 5.40 -17.50
CA MET A 90 1.25 4.86 -17.30
C MET A 90 0.99 3.67 -18.21
N ALA A 91 1.41 3.74 -19.47
CA ALA A 91 1.16 2.65 -20.39
C ALA A 91 2.04 1.42 -20.10
N LYS A 92 3.12 1.59 -19.35
CA LYS A 92 3.98 0.46 -19.01
C LYS A 92 3.61 -0.19 -17.68
N ALA A 93 2.95 0.55 -16.79
CA ALA A 93 2.49 -0.02 -15.53
C ALA A 93 1.16 -0.75 -15.67
N ILE A 94 0.53 -0.71 -16.85
CA ILE A 94 -0.78 -1.32 -17.06
C ILE A 94 -0.61 -2.67 -17.74
N ASP A 95 0.47 -2.85 -18.50
CA ASP A 95 0.69 -4.11 -19.18
C ASP A 95 1.01 -5.24 -18.21
N GLN A 96 1.47 -4.93 -17.01
CA GLN A 96 1.76 -5.93 -15.99
C GLN A 96 0.78 -5.88 -14.83
N ALA A 97 -0.35 -5.18 -15.00
CA ALA A 97 -1.34 -5.05 -13.95
C ALA A 97 -2.78 -5.17 -14.44
N GLY A 98 -3.01 -5.45 -15.72
CA GLY A 98 -4.35 -5.53 -16.25
C GLY A 98 -4.91 -6.94 -16.13
N ILE A 99 -6.13 -7.03 -15.58
CA ILE A 99 -6.84 -8.29 -15.45
C ILE A 99 -7.97 -8.44 -16.45
N GLN A 100 -8.20 -7.44 -17.28
CA GLN A 100 -9.16 -7.55 -18.38
C GLN A 100 -8.82 -6.50 -19.43
N PHE A 101 -8.91 -6.88 -20.71
CA PHE A 101 -8.56 -5.99 -21.81
C PHE A 101 -9.66 -6.05 -22.86
N ARG A 102 -10.09 -4.88 -23.36
CA ARG A 102 -11.12 -4.84 -24.39
C ARG A 102 -10.84 -3.70 -25.35
N ILE A 103 -11.41 -3.83 -26.55
CA ILE A 103 -11.42 -2.77 -27.56
C ILE A 103 -12.84 -2.25 -27.70
N LEU A 104 -12.99 -0.93 -27.59
CA LEU A 104 -14.26 -0.25 -27.81
C LEU A 104 -14.28 0.33 -29.22
N ASN A 105 -15.42 0.15 -29.90
CA ASN A 105 -15.64 0.58 -31.28
C ASN A 105 -14.77 -0.21 -32.26
N ALA A 106 -14.60 -1.51 -31.99
CA ALA A 106 -13.77 -2.34 -32.86
C ALA A 106 -14.34 -2.48 -34.26
N SER A 107 -15.67 -2.45 -34.39
CA SER A 107 -16.31 -2.64 -35.69
C SER A 107 -16.36 -1.37 -36.53
N LYS A 108 -16.07 -0.21 -35.95
CA LYS A 108 -16.13 1.05 -36.68
C LYS A 108 -14.77 1.38 -37.29
N GLY A 109 -14.62 2.61 -37.79
CA GLY A 109 -13.39 3.03 -38.40
C GLY A 109 -12.24 3.11 -37.42
N PRO A 110 -11.02 2.85 -37.88
CA PRO A 110 -9.87 2.77 -36.95
C PRO A 110 -9.57 4.05 -36.20
N ALA A 111 -10.08 5.20 -36.67
CA ALA A 111 -9.79 6.46 -36.01
C ALA A 111 -10.56 6.66 -34.71
N VAL A 112 -11.51 5.78 -34.38
CA VAL A 112 -12.37 5.98 -33.22
C VAL A 112 -12.23 4.86 -32.18
N ARG A 113 -11.52 3.78 -32.49
CA ARG A 113 -11.32 2.71 -31.52
C ARG A 113 -10.66 3.23 -30.25
N ALA A 114 -10.84 2.49 -29.17
CA ALA A 114 -10.14 2.76 -27.92
C ALA A 114 -9.87 1.43 -27.23
N THR A 115 -8.96 1.45 -26.26
CA THR A 115 -8.60 0.25 -25.52
C THR A 115 -8.81 0.50 -24.05
N ARG A 116 -9.58 -0.36 -23.39
CA ARG A 116 -9.92 -0.21 -21.98
C ARG A 116 -9.49 -1.44 -21.20
N ALA A 117 -8.86 -1.22 -20.04
CA ALA A 117 -8.32 -2.30 -19.24
C ALA A 117 -8.82 -2.21 -17.81
N GLN A 118 -9.44 -3.29 -17.34
CA GLN A 118 -9.68 -3.48 -15.92
C GLN A 118 -8.39 -3.97 -15.29
N ALA A 119 -7.89 -3.24 -14.29
CA ALA A 119 -6.53 -3.40 -13.80
C ALA A 119 -6.50 -3.94 -12.37
N ASP A 120 -5.57 -4.85 -12.12
CA ASP A 120 -5.25 -5.23 -10.75
C ASP A 120 -4.55 -4.04 -10.08
N ARG A 121 -5.01 -3.70 -8.88
CA ARG A 121 -4.57 -2.47 -8.24
C ARG A 121 -3.15 -2.59 -7.69
N VAL A 122 -2.83 -3.69 -7.02
CA VAL A 122 -1.54 -3.82 -6.35
C VAL A 122 -0.42 -3.95 -7.37
N LEU A 123 -0.64 -4.73 -8.44
CA LEU A 123 0.40 -4.85 -9.46
C LEU A 123 0.71 -3.50 -10.07
N TYR A 124 -0.32 -2.67 -10.30
CA TYR A 124 -0.10 -1.33 -10.82
C TYR A 124 0.67 -0.47 -9.84
N ARG A 125 0.27 -0.49 -8.56
CA ARG A 125 0.96 0.29 -7.54
C ARG A 125 2.44 -0.08 -7.48
N GLN A 126 2.73 -1.39 -7.52
CA GLN A 126 4.12 -1.83 -7.39
C GLN A 126 4.92 -1.53 -8.65
N ALA A 127 4.32 -1.72 -9.83
CA ALA A 127 5.03 -1.35 -11.05
C ALA A 127 5.39 0.13 -11.04
N VAL A 128 4.44 0.98 -10.64
CA VAL A 128 4.70 2.41 -10.59
C VAL A 128 5.82 2.72 -9.59
N ARG A 129 5.73 2.16 -8.38
CA ARG A 129 6.72 2.48 -7.36
C ARG A 129 8.11 2.02 -7.77
N THR A 130 8.22 0.80 -8.30
CA THR A 130 9.53 0.28 -8.66
C THR A 130 10.12 1.01 -9.86
N ALA A 131 9.29 1.37 -10.84
CA ALA A 131 9.80 2.14 -11.97
C ALA A 131 10.26 3.53 -11.53
N LEU A 132 9.52 4.16 -10.62
CA LEU A 132 9.88 5.51 -10.19
C LEU A 132 11.07 5.50 -9.25
N GLU A 133 11.28 4.40 -8.53
CA GLU A 133 12.27 4.37 -7.45
C GLU A 133 13.70 4.21 -7.98
N ASN A 134 13.87 3.81 -9.24
CA ASN A 134 15.18 3.55 -9.84
C ASN A 134 15.45 4.47 -11.02
N GLN A 135 15.15 5.76 -10.87
CA GLN A 135 15.28 6.71 -11.97
C GLN A 135 16.50 7.59 -11.75
N PRO A 136 17.54 7.50 -12.59
CA PRO A 136 18.73 8.33 -12.39
C PRO A 136 18.41 9.82 -12.49
N ASN A 137 19.19 10.61 -11.75
CA ASN A 137 19.11 12.07 -11.64
C ASN A 137 17.87 12.53 -10.88
N LEU A 138 17.10 11.63 -10.27
CA LEU A 138 15.90 11.97 -9.53
C LEU A 138 16.02 11.48 -8.10
N MET A 139 15.52 12.28 -7.16
CA MET A 139 15.43 11.83 -5.77
C MET A 139 14.05 12.13 -5.21
N ILE A 140 13.62 11.27 -4.31
CA ILE A 140 12.29 11.34 -3.69
C ILE A 140 12.48 11.71 -2.22
N PHE A 141 11.46 12.35 -1.65
CA PHE A 141 11.49 12.75 -0.25
C PHE A 141 10.07 12.75 0.29
N GLN A 142 9.90 12.19 1.48
CA GLN A 142 8.59 12.07 2.11
C GLN A 142 8.45 13.21 3.12
N GLN A 143 7.62 14.19 2.78
CA GLN A 143 7.36 15.34 3.62
C GLN A 143 6.25 16.17 2.99
N ALA A 144 5.47 16.82 3.84
CA ALA A 144 4.46 17.75 3.37
C ALA A 144 5.08 19.13 3.15
N VAL A 145 4.36 19.98 2.44
CA VAL A 145 4.77 21.37 2.26
C VAL A 145 3.75 22.26 2.94
N GLU A 146 4.23 23.41 3.43
CA GLU A 146 3.40 24.31 4.20
C GLU A 146 3.38 25.73 3.67
N ASP A 147 4.30 26.10 2.78
CA ASP A 147 4.34 27.43 2.21
C ASP A 147 5.32 27.42 1.04
N LEU A 148 5.33 28.51 0.28
CA LEU A 148 6.26 28.70 -0.82
C LEU A 148 6.98 30.05 -0.63
N ILE A 149 8.04 30.25 -1.39
CA ILE A 149 8.85 31.46 -1.30
C ILE A 149 8.78 32.18 -2.65
N VAL A 150 8.38 33.44 -2.61
CA VAL A 150 8.23 34.25 -3.82
C VAL A 150 8.76 35.66 -3.54
N GLU A 151 9.55 36.19 -4.48
CA GLU A 151 9.95 37.59 -4.43
C GLU A 151 10.04 38.10 -5.86
N ASN A 152 9.51 39.31 -6.08
CA ASN A 152 9.54 39.98 -7.39
C ASN A 152 8.98 39.07 -8.49
N ASP A 153 7.80 38.51 -8.23
CA ASP A 153 7.08 37.68 -9.19
C ASP A 153 7.91 36.48 -9.64
N ARG A 154 8.68 35.92 -8.72
CA ARG A 154 9.50 34.74 -8.98
C ARG A 154 9.36 33.78 -7.80
N VAL A 155 9.13 32.51 -8.10
CA VAL A 155 9.01 31.47 -7.07
C VAL A 155 10.34 30.74 -6.98
N VAL A 156 10.96 30.79 -5.81
CA VAL A 156 12.23 30.10 -5.57
C VAL A 156 12.19 29.39 -4.22
N GLY A 157 11.98 28.07 -4.25
CA GLY A 157 12.06 27.27 -3.06
C GLY A 157 10.69 27.01 -2.43
N ALA A 158 10.64 25.95 -1.62
CA ALA A 158 9.44 25.55 -0.91
C ALA A 158 9.80 25.20 0.52
N VAL A 159 8.82 25.32 1.42
CA VAL A 159 9.01 25.10 2.85
C VAL A 159 8.23 23.86 3.25
N THR A 160 8.88 22.95 3.96
CA THR A 160 8.23 21.73 4.43
C THR A 160 7.65 21.96 5.82
N GLN A 161 7.21 20.87 6.47
CA GLN A 161 6.56 20.96 7.77
C GLN A 161 7.57 20.95 8.93
N MET A 162 8.60 20.11 8.84
CA MET A 162 9.56 20.00 9.94
C MET A 162 10.31 21.31 10.13
N GLY A 163 10.62 22.00 9.04
CA GLY A 163 11.41 23.22 9.10
C GLY A 163 12.41 23.30 7.97
N LEU A 164 12.86 22.14 7.51
CA LEU A 164 13.77 22.08 6.36
C LEU A 164 13.08 22.64 5.13
N LYS A 165 13.79 23.50 4.40
CA LYS A 165 13.27 24.10 3.18
C LYS A 165 14.32 24.01 2.08
N PHE A 166 13.84 23.87 0.85
CA PHE A 166 14.70 23.62 -0.30
C PHE A 166 14.75 24.85 -1.20
N ARG A 167 15.69 24.83 -2.14
CA ARG A 167 15.82 25.87 -3.16
C ARG A 167 15.88 25.22 -4.53
N ALA A 168 15.20 25.82 -5.50
CA ALA A 168 15.17 25.30 -6.86
C ALA A 168 14.84 26.43 -7.82
N LYS A 169 15.07 26.16 -9.11
CA LYS A 169 14.80 27.12 -10.17
C LYS A 169 13.41 26.95 -10.78
N ALA A 170 12.66 25.93 -10.37
CA ALA A 170 11.31 25.71 -10.89
C ALA A 170 10.55 24.82 -9.92
N VAL A 171 9.25 25.06 -9.83
CA VAL A 171 8.37 24.34 -8.92
C VAL A 171 7.11 23.95 -9.65
N VAL A 172 6.68 22.70 -9.49
CA VAL A 172 5.46 22.17 -10.09
C VAL A 172 4.56 21.64 -8.99
N LEU A 173 3.29 22.06 -8.99
CA LEU A 173 2.32 21.64 -8.00
C LEU A 173 1.37 20.61 -8.63
N THR A 174 1.26 19.44 -8.00
CA THR A 174 0.35 18.38 -8.41
C THR A 174 -0.45 17.89 -7.22
N VAL A 175 -1.04 18.83 -6.47
CA VAL A 175 -1.74 18.48 -5.24
C VAL A 175 -2.92 17.56 -5.52
N GLY A 176 -3.68 17.86 -6.55
CA GLY A 176 -4.83 17.02 -6.93
C GLY A 176 -6.09 17.44 -6.17
N THR A 177 -6.60 16.55 -5.32
CA THR A 177 -7.81 16.79 -4.56
C THR A 177 -7.53 16.97 -3.06
N PHE A 178 -6.27 17.18 -2.67
CA PHE A 178 -5.92 17.30 -1.26
C PHE A 178 -5.88 18.74 -0.79
N LEU A 179 -6.20 19.71 -1.64
CA LEU A 179 -6.21 21.12 -1.25
C LEU A 179 -7.47 21.40 -0.45
N ASP A 180 -7.42 21.05 0.83
CA ASP A 180 -8.48 21.37 1.80
C ASP A 180 -9.81 20.77 1.35
N GLY A 181 -9.84 19.45 1.33
CA GLY A 181 -11.02 18.70 0.93
C GLY A 181 -11.80 18.17 2.12
N LYS A 182 -13.12 18.09 1.95
CA LYS A 182 -14.02 17.55 2.95
C LYS A 182 -14.74 16.34 2.39
N ILE A 183 -14.77 15.26 3.17
CA ILE A 183 -15.59 14.08 2.88
C ILE A 183 -17.01 14.34 3.33
N HIS A 184 -17.97 14.07 2.45
CA HIS A 184 -19.39 14.22 2.72
C HIS A 184 -20.08 12.86 2.59
N ILE A 185 -20.88 12.52 3.60
CA ILE A 185 -21.78 11.37 3.55
C ILE A 185 -23.12 11.82 4.09
N GLY A 186 -24.18 11.64 3.29
CA GLY A 186 -25.50 12.09 3.72
C GLY A 186 -25.49 13.59 3.93
N LEU A 187 -25.82 14.01 5.16
CA LEU A 187 -25.78 15.42 5.54
C LEU A 187 -24.66 15.71 6.54
N ASP A 188 -23.68 14.82 6.64
CA ASP A 188 -22.56 14.99 7.55
C ASP A 188 -21.26 15.04 6.77
N ASN A 189 -20.23 15.60 7.41
CA ASN A 189 -18.95 15.82 6.74
C ASN A 189 -17.82 15.78 7.75
N TYR A 190 -16.62 15.54 7.24
CA TYR A 190 -15.40 15.58 8.04
C TYR A 190 -14.20 15.76 7.13
N SER A 191 -13.14 16.35 7.68
CA SER A 191 -11.97 16.66 6.87
C SER A 191 -11.28 15.38 6.41
N GLY A 192 -10.85 15.38 5.14
CA GLY A 192 -10.10 14.28 4.60
C GLY A 192 -9.74 14.43 3.12
N GLY A 193 -8.48 14.09 2.80
CA GLY A 193 -8.05 14.16 1.40
C GLY A 193 -8.74 13.12 0.54
N ARG A 194 -9.01 11.96 1.11
CA ARG A 194 -9.81 10.90 0.51
C ARG A 194 -10.02 9.85 1.59
N ALA A 195 -10.48 8.67 1.19
CA ALA A 195 -10.86 7.68 2.19
C ALA A 195 -9.61 7.08 2.80
N GLY A 196 -9.18 7.63 3.93
CA GLY A 196 -8.01 7.14 4.64
C GLY A 196 -6.79 8.04 4.59
N ASP A 197 -6.87 9.22 3.98
CA ASP A 197 -5.71 10.10 3.88
C ASP A 197 -6.03 11.47 4.47
N PRO A 198 -5.04 12.17 5.00
CA PRO A 198 -5.28 13.46 5.67
C PRO A 198 -5.36 14.58 4.65
N PRO A 199 -5.90 15.74 5.05
CA PRO A 199 -5.95 16.88 4.14
C PRO A 199 -4.77 17.83 4.30
N SER A 200 -4.51 18.57 3.22
CA SER A 200 -3.44 19.58 3.20
C SER A 200 -4.09 20.96 3.33
N ILE A 201 -4.35 21.34 4.58
CA ILE A 201 -5.13 22.54 4.87
C ILE A 201 -4.31 23.82 4.68
N PRO A 202 -3.17 24.02 5.36
CA PRO A 202 -2.51 25.34 5.30
C PRO A 202 -2.09 25.75 3.90
N LEU A 203 -1.67 24.80 3.06
CA LEU A 203 -1.24 25.15 1.71
C LEU A 203 -2.37 25.78 0.91
N SER A 204 -3.62 25.40 1.20
CA SER A 204 -4.76 26.03 0.54
C SER A 204 -4.80 27.51 0.86
N ARG A 205 -4.63 27.89 2.13
CA ARG A 205 -4.61 29.30 2.49
C ARG A 205 -3.42 30.02 1.87
N ARG A 206 -2.25 29.38 1.89
CA ARG A 206 -1.06 30.02 1.34
C ARG A 206 -1.22 30.29 -0.16
N LEU A 207 -1.82 29.35 -0.88
CA LEU A 207 -2.07 29.57 -2.31
C LEU A 207 -3.20 30.57 -2.53
N ARG A 208 -4.16 30.64 -1.59
CA ARG A 208 -5.28 31.56 -1.74
C ARG A 208 -4.84 33.01 -1.57
N GLU A 209 -3.92 33.26 -0.62
CA GLU A 209 -3.45 34.63 -0.43
C GLU A 209 -2.76 35.18 -1.66
N LEU A 210 -2.17 34.26 -2.45
CA LEU A 210 -1.49 34.66 -3.72
C LEU A 210 -2.54 35.17 -4.70
N PRO A 211 -2.26 36.18 -5.55
CA PRO A 211 -3.29 36.74 -6.44
C PRO A 211 -3.79 35.73 -7.48
N LEU A 212 -4.62 34.80 -7.01
CA LEU A 212 -5.28 33.80 -7.82
C LEU A 212 -6.75 33.75 -7.44
N ARG A 213 -7.54 33.08 -8.27
CA ARG A 213 -8.96 32.87 -8.02
C ARG A 213 -9.21 31.39 -7.82
N VAL A 214 -9.89 31.02 -6.73
CA VAL A 214 -10.05 29.64 -6.32
C VAL A 214 -11.53 29.33 -6.17
N GLY A 215 -11.91 28.11 -6.54
CA GLY A 215 -13.27 27.63 -6.38
C GLY A 215 -13.28 26.24 -5.77
N ARG A 216 -14.49 25.68 -5.67
CA ARG A 216 -14.69 24.36 -5.08
C ARG A 216 -15.55 23.49 -5.99
N LEU A 217 -15.20 22.21 -6.04
CA LEU A 217 -15.97 21.20 -6.78
C LEU A 217 -16.17 19.97 -5.88
N LYS A 218 -17.09 19.11 -6.29
CA LYS A 218 -17.44 17.93 -5.49
C LYS A 218 -17.74 16.75 -6.41
N THR A 219 -17.27 15.57 -6.02
CA THR A 219 -17.55 14.35 -6.75
C THR A 219 -17.53 13.17 -5.80
N GLY A 220 -18.24 12.09 -6.15
CA GLY A 220 -18.47 10.98 -5.25
C GLY A 220 -18.10 9.65 -5.87
N THR A 221 -18.09 8.63 -5.01
CA THR A 221 -17.75 7.26 -5.38
C THR A 221 -18.62 6.29 -4.60
N PRO A 222 -18.99 5.16 -5.21
CA PRO A 222 -19.91 4.21 -4.57
C PRO A 222 -19.18 3.30 -3.61
N PRO A 223 -19.92 2.44 -2.85
CA PRO A 223 -19.26 1.56 -1.89
C PRO A 223 -18.54 0.38 -2.53
N ARG A 224 -18.02 -0.52 -1.70
CA ARG A 224 -17.36 -1.74 -2.13
C ARG A 224 -18.05 -2.95 -1.52
N ILE A 225 -18.24 -4.00 -2.31
CA ILE A 225 -18.96 -5.18 -1.87
C ILE A 225 -17.97 -6.31 -1.64
N ASP A 226 -18.40 -7.33 -0.91
CA ASP A 226 -17.58 -8.50 -0.62
C ASP A 226 -17.95 -9.60 -1.61
N ALA A 227 -16.95 -10.15 -2.30
CA ALA A 227 -17.19 -11.08 -3.41
C ALA A 227 -17.74 -12.42 -2.94
N ARG A 228 -17.54 -12.77 -1.67
CA ARG A 228 -17.98 -14.05 -1.13
C ARG A 228 -19.34 -13.97 -0.46
N THR A 229 -20.09 -12.89 -0.67
CA THR A 229 -21.47 -12.78 -0.23
C THR A 229 -22.43 -12.54 -1.38
N ILE A 230 -21.95 -12.64 -2.62
CA ILE A 230 -22.78 -12.44 -3.81
C ILE A 230 -22.92 -13.78 -4.52
N ASP A 231 -24.15 -14.15 -4.85
CA ASP A 231 -24.44 -15.40 -5.53
C ASP A 231 -24.25 -15.18 -7.02
N PHE A 232 -23.00 -15.34 -7.48
CA PHE A 232 -22.69 -15.17 -8.90
C PHE A 232 -23.20 -16.32 -9.77
N SER A 233 -23.86 -17.31 -9.19
CA SER A 233 -24.34 -18.44 -9.98
C SER A 233 -25.53 -18.09 -10.87
N VAL A 234 -26.11 -16.90 -10.71
CA VAL A 234 -27.30 -16.51 -11.46
C VAL A 234 -27.05 -15.16 -12.13
N LEU A 235 -25.79 -14.73 -12.15
CA LEU A 235 -25.40 -13.45 -12.73
C LEU A 235 -24.70 -13.66 -14.06
N ALA A 236 -25.01 -12.80 -15.02
CA ALA A 236 -24.41 -12.90 -16.35
C ALA A 236 -22.94 -12.47 -16.33
N GLN A 237 -22.15 -13.16 -17.14
CA GLN A 237 -20.72 -12.93 -17.26
C GLN A 237 -20.41 -12.17 -18.55
N GLN A 238 -19.29 -11.46 -18.54
CA GLN A 238 -18.83 -10.75 -19.73
C GLN A 238 -17.35 -11.02 -19.96
N HIS A 239 -16.93 -10.97 -21.23
CA HIS A 239 -15.58 -11.32 -21.63
C HIS A 239 -15.00 -10.24 -22.53
N GLY A 240 -13.70 -10.30 -22.72
CA GLY A 240 -12.96 -9.34 -23.54
C GLY A 240 -12.67 -9.88 -24.93
N ASP A 241 -11.46 -9.60 -25.42
CA ASP A 241 -11.04 -10.00 -26.76
C ASP A 241 -9.97 -11.08 -26.66
N ASN A 242 -10.17 -12.18 -27.38
CA ASN A 242 -9.17 -13.24 -27.40
C ASN A 242 -7.85 -12.78 -28.03
N PRO A 243 -7.82 -12.13 -29.21
CA PRO A 243 -6.58 -11.51 -29.65
C PRO A 243 -6.28 -10.26 -28.85
N MET A 244 -5.33 -10.34 -27.93
CA MET A 244 -5.16 -9.26 -26.97
C MET A 244 -4.48 -8.06 -27.60
N PRO A 245 -4.97 -6.86 -27.34
CA PRO A 245 -4.33 -5.64 -27.82
C PRO A 245 -3.11 -5.29 -26.95
N VAL A 246 -2.53 -4.13 -27.23
CA VAL A 246 -1.38 -3.64 -26.49
C VAL A 246 -1.49 -2.12 -26.35
N PHE A 247 -1.05 -1.61 -25.21
CA PHE A 247 -0.97 -0.16 -25.00
C PHE A 247 0.37 0.40 -25.43
N SER A 248 1.45 -0.04 -24.80
CA SER A 248 2.77 0.48 -25.11
C SER A 248 3.25 -0.04 -26.47
N PHE A 249 3.99 0.81 -27.18
CA PHE A 249 4.58 0.44 -28.45
C PHE A 249 5.80 -0.46 -28.31
N MET A 250 6.07 -0.96 -27.10
CA MET A 250 7.24 -1.79 -26.83
C MET A 250 6.88 -3.19 -26.37
N GLY A 251 5.95 -3.32 -25.43
CA GLY A 251 5.62 -4.61 -24.87
C GLY A 251 4.73 -5.46 -25.76
N ASN A 252 4.39 -6.64 -25.25
CA ASN A 252 3.56 -7.59 -25.98
C ASN A 252 2.59 -8.23 -24.99
N ALA A 253 1.91 -9.28 -25.44
CA ALA A 253 0.87 -9.92 -24.63
C ALA A 253 1.43 -10.92 -23.63
N SER A 254 2.72 -11.23 -23.69
CA SER A 254 3.31 -12.18 -22.75
C SER A 254 3.49 -11.61 -21.35
N GLN A 255 3.31 -10.29 -21.17
CA GLN A 255 3.50 -9.64 -19.88
C GLN A 255 2.23 -9.54 -19.06
N HIS A 256 1.08 -9.91 -19.62
CA HIS A 256 -0.19 -9.74 -18.92
C HIS A 256 -0.42 -10.90 -17.95
N PRO A 257 -0.91 -10.62 -16.74
CA PRO A 257 -1.25 -11.70 -15.80
C PRO A 257 -2.54 -12.41 -16.19
N GLN A 258 -3.02 -13.31 -15.33
CA GLN A 258 -4.22 -14.08 -15.64
C GLN A 258 -5.45 -13.18 -15.70
N GLN A 259 -6.45 -13.64 -16.45
CA GLN A 259 -7.63 -12.86 -16.77
C GLN A 259 -8.81 -13.29 -15.92
N VAL A 260 -9.67 -12.34 -15.60
CA VAL A 260 -10.89 -12.61 -14.83
C VAL A 260 -12.09 -11.97 -15.51
N PRO A 261 -13.31 -12.49 -15.31
CA PRO A 261 -14.49 -11.90 -15.94
C PRO A 261 -15.19 -10.87 -15.07
N CYS A 262 -16.21 -10.22 -15.64
CA CYS A 262 -17.02 -9.23 -14.94
C CYS A 262 -18.47 -9.69 -14.92
N TYR A 263 -19.19 -9.32 -13.86
CA TYR A 263 -20.57 -9.75 -13.66
C TYR A 263 -21.52 -8.58 -13.90
N ILE A 264 -22.70 -8.88 -14.45
CA ILE A 264 -23.67 -7.86 -14.84
C ILE A 264 -24.97 -8.13 -14.09
N THR A 265 -25.54 -7.07 -13.50
CA THR A 265 -26.81 -7.18 -12.81
C THR A 265 -27.65 -5.94 -13.13
N HIS A 266 -28.87 -5.90 -12.59
CA HIS A 266 -29.80 -4.82 -12.84
C HIS A 266 -30.51 -4.43 -11.55
N THR A 267 -31.30 -3.37 -11.64
CA THR A 267 -32.12 -2.88 -10.54
C THR A 267 -33.59 -3.17 -10.83
N ASN A 268 -34.44 -2.88 -9.84
CA ASN A 268 -35.86 -3.15 -9.95
C ASN A 268 -36.65 -2.06 -9.23
N GLU A 269 -37.98 -2.16 -9.31
CA GLU A 269 -38.84 -1.07 -8.86
C GLU A 269 -38.70 -0.79 -7.38
N LYS A 270 -38.35 -1.81 -6.58
CA LYS A 270 -38.21 -1.60 -5.14
C LYS A 270 -37.07 -0.63 -4.84
N THR A 271 -35.97 -0.73 -5.60
CA THR A 271 -34.86 0.21 -5.42
C THR A 271 -35.31 1.63 -5.70
N HIS A 272 -36.05 1.83 -6.80
CA HIS A 272 -36.52 3.17 -7.13
C HIS A 272 -37.48 3.70 -6.07
N ASP A 273 -38.35 2.83 -5.55
CA ASP A 273 -39.28 3.24 -4.51
C ASP A 273 -38.53 3.66 -3.25
N VAL A 274 -37.50 2.90 -2.86
CA VAL A 274 -36.72 3.25 -1.69
C VAL A 274 -35.99 4.57 -1.89
N ILE A 275 -35.41 4.77 -3.08
CA ILE A 275 -34.69 6.01 -3.35
C ILE A 275 -35.64 7.21 -3.29
N ARG A 276 -36.82 7.07 -3.91
CA ARG A 276 -37.79 8.17 -3.89
C ARG A 276 -38.29 8.45 -2.48
N SER A 277 -38.54 7.40 -1.68
CA SER A 277 -39.04 7.58 -0.34
C SER A 277 -38.03 8.30 0.55
N ASN A 278 -36.75 7.96 0.43
CA ASN A 278 -35.70 8.50 1.28
C ASN A 278 -34.88 9.57 0.57
N LEU A 279 -35.46 10.24 -0.43
CA LEU A 279 -34.75 11.29 -1.14
C LEU A 279 -34.56 12.54 -0.29
N ASP A 280 -35.35 12.71 0.77
CA ASP A 280 -35.27 13.91 1.59
C ASP A 280 -33.89 14.07 2.21
N ARG A 281 -33.28 12.96 2.65
CA ARG A 281 -31.96 12.99 3.27
C ARG A 281 -30.90 13.02 2.18
N SER A 282 -30.64 14.22 1.66
CA SER A 282 -29.61 14.41 0.64
C SER A 282 -29.20 15.87 0.62
N PRO A 283 -27.90 16.17 0.47
CA PRO A 283 -27.49 17.59 0.39
C PRO A 283 -28.11 18.31 -0.79
N MET A 284 -28.32 17.62 -1.91
CA MET A 284 -28.96 18.20 -3.08
C MET A 284 -30.40 17.66 -3.15
N TYR A 285 -31.19 18.24 -4.05
CA TYR A 285 -32.65 18.09 -4.05
C TYR A 285 -33.23 18.65 -2.77
N GLY A 293 -23.92 21.48 -10.53
CA GLY A 293 -24.31 20.19 -11.06
C GLY A 293 -24.00 20.02 -12.53
N PRO A 294 -23.31 18.93 -12.87
CA PRO A 294 -22.99 18.68 -14.28
C PRO A 294 -24.24 18.45 -15.11
N ARG A 295 -24.07 18.63 -16.43
CA ARG A 295 -25.18 18.44 -17.36
C ARG A 295 -25.61 16.99 -17.52
N TYR A 296 -24.84 16.04 -17.00
CA TYR A 296 -25.25 14.64 -16.97
C TYR A 296 -25.60 14.26 -15.53
N CYS A 297 -25.93 12.98 -15.34
CA CYS A 297 -26.30 12.48 -14.03
C CYS A 297 -25.24 11.52 -13.49
N PRO A 298 -24.40 11.97 -12.55
CA PRO A 298 -23.34 11.08 -12.03
C PRO A 298 -23.85 10.05 -11.04
N SER A 299 -24.82 10.43 -10.21
CA SER A 299 -25.34 9.57 -9.16
C SER A 299 -26.52 8.76 -9.69
N ILE A 300 -27.13 7.97 -8.80
CA ILE A 300 -28.20 7.05 -9.19
C ILE A 300 -29.57 7.65 -8.92
N GLU A 301 -29.74 8.41 -7.82
CA GLU A 301 -31.00 9.12 -7.61
C GLU A 301 -31.24 10.14 -8.71
N ASP A 302 -30.18 10.75 -9.24
CA ASP A 302 -30.34 11.58 -10.43
C ASP A 302 -30.81 10.75 -11.61
N LYS A 303 -30.30 9.53 -11.74
CA LYS A 303 -30.72 8.67 -12.85
C LYS A 303 -32.22 8.41 -12.82
N VAL A 304 -32.77 8.14 -11.64
CA VAL A 304 -34.20 7.85 -11.54
C VAL A 304 -35.03 9.12 -11.65
N MET A 305 -34.59 10.22 -11.04
CA MET A 305 -35.44 11.42 -11.05
C MET A 305 -35.43 12.13 -12.40
N ARG A 306 -34.28 12.22 -13.07
CA ARG A 306 -34.26 12.86 -14.38
C ARG A 306 -35.07 12.08 -15.41
N PHE A 307 -35.06 10.75 -15.31
CA PHE A 307 -35.82 9.87 -16.21
C PHE A 307 -36.62 8.91 -15.33
N ALA A 308 -37.83 9.32 -14.95
CA ALA A 308 -38.64 8.52 -14.04
C ALA A 308 -39.40 7.41 -14.73
N ASP A 309 -39.53 7.44 -16.06
CA ASP A 309 -40.27 6.41 -16.76
C ASP A 309 -39.48 5.11 -16.86
N ARG A 310 -38.16 5.19 -16.99
CA ARG A 310 -37.34 4.00 -17.11
C ARG A 310 -37.36 3.21 -15.81
N ASN A 311 -37.47 1.89 -15.93
CA ASN A 311 -37.62 1.01 -14.77
C ASN A 311 -36.50 -0.01 -14.65
N GLN A 312 -35.43 0.12 -15.44
CA GLN A 312 -34.31 -0.80 -15.37
C GLN A 312 -33.02 -0.03 -15.57
N HIS A 313 -31.97 -0.48 -14.88
CA HIS A 313 -30.65 0.11 -15.00
C HIS A 313 -29.60 -1.00 -14.95
N GLN A 314 -28.45 -0.72 -15.54
CA GLN A 314 -27.36 -1.70 -15.64
C GLN A 314 -26.30 -1.42 -14.60
N ILE A 315 -25.89 -2.46 -13.86
CA ILE A 315 -24.89 -2.35 -12.82
C ILE A 315 -23.80 -3.37 -13.09
N PHE A 316 -22.55 -2.95 -12.99
CA PHE A 316 -21.41 -3.85 -13.19
C PHE A 316 -20.77 -4.20 -11.86
N LEU A 317 -20.34 -5.45 -11.72
CA LEU A 317 -19.58 -5.91 -10.56
C LEU A 317 -18.24 -6.42 -11.07
N GLU A 318 -17.16 -5.72 -10.70
CA GLU A 318 -15.86 -6.13 -11.20
C GLU A 318 -14.87 -6.33 -10.07
N PRO A 319 -13.98 -7.31 -10.17
CA PRO A 319 -13.01 -7.53 -9.10
C PRO A 319 -11.92 -6.47 -9.09
N GLU A 320 -11.55 -6.04 -7.89
CA GLU A 320 -10.46 -5.08 -7.74
C GLU A 320 -9.10 -5.73 -7.98
N GLY A 321 -9.03 -7.05 -8.07
CA GLY A 321 -7.78 -7.73 -8.34
C GLY A 321 -8.02 -9.23 -8.41
N LEU A 322 -6.98 -9.94 -8.80
CA LEU A 322 -7.02 -11.39 -8.91
C LEU A 322 -6.71 -12.08 -7.58
N THR A 323 -6.48 -11.32 -6.52
CA THR A 323 -6.08 -11.90 -5.25
C THR A 323 -6.84 -11.33 -4.06
N SER A 324 -7.80 -10.44 -4.27
CA SER A 324 -8.67 -9.92 -3.23
C SER A 324 -10.12 -10.07 -3.67
N ASN A 325 -11.02 -10.26 -2.70
CA ASN A 325 -12.43 -10.49 -3.01
C ASN A 325 -13.28 -9.25 -2.73
N GLU A 326 -12.73 -8.08 -3.01
CA GLU A 326 -13.51 -6.85 -3.01
C GLU A 326 -14.02 -6.58 -4.42
N ILE A 327 -15.32 -6.34 -4.54
CA ILE A 327 -15.98 -6.07 -5.81
C ILE A 327 -16.32 -4.59 -5.86
N TYR A 328 -15.92 -3.94 -6.95
CA TYR A 328 -16.33 -2.58 -7.22
C TYR A 328 -17.64 -2.61 -8.00
N PRO A 329 -18.72 -2.03 -7.49
CA PRO A 329 -19.94 -1.85 -8.30
C PRO A 329 -19.91 -0.54 -9.07
N ASN A 330 -20.05 -0.65 -10.39
CA ASN A 330 -20.07 0.49 -11.29
C ASN A 330 -21.50 0.78 -11.71
N GLY A 331 -21.93 2.02 -11.52
CA GLY A 331 -23.25 2.48 -11.89
C GLY A 331 -24.18 2.78 -10.74
N ILE A 332 -23.72 2.70 -9.49
CA ILE A 332 -24.61 2.82 -8.34
C ILE A 332 -24.07 3.88 -7.39
N SER A 333 -23.32 4.84 -7.93
CA SER A 333 -22.80 5.93 -7.11
C SER A 333 -23.95 6.80 -6.60
N THR A 334 -23.81 7.30 -5.37
CA THR A 334 -24.85 8.10 -4.74
C THR A 334 -24.24 8.87 -3.57
N SER A 335 -25.09 9.68 -2.91
CA SER A 335 -24.69 10.43 -1.74
C SER A 335 -25.66 10.23 -0.58
N LEU A 336 -26.55 9.25 -0.66
CA LEU A 336 -27.55 8.99 0.35
C LEU A 336 -26.93 8.34 1.58
N PRO A 337 -27.59 8.41 2.74
CA PRO A 337 -27.02 7.83 3.95
C PRO A 337 -26.90 6.32 3.87
N PHE A 338 -26.25 5.75 4.88
CA PHE A 338 -25.84 4.35 4.82
C PHE A 338 -27.02 3.40 4.73
N ASP A 339 -28.12 3.71 5.44
CA ASP A 339 -29.28 2.83 5.43
C ASP A 339 -29.83 2.68 4.01
N VAL A 340 -29.93 3.78 3.27
CA VAL A 340 -30.41 3.73 1.89
C VAL A 340 -29.44 2.93 1.03
N GLN A 341 -28.13 3.12 1.24
CA GLN A 341 -27.13 2.36 0.51
C GLN A 341 -27.34 0.87 0.72
N MET A 342 -27.51 0.45 1.97
CA MET A 342 -27.70 -0.97 2.26
C MET A 342 -28.98 -1.49 1.66
N GLN A 343 -30.07 -0.71 1.72
CA GLN A 343 -31.32 -1.16 1.12
C GLN A 343 -31.18 -1.33 -0.39
N ILE A 344 -30.52 -0.39 -1.06
CA ILE A 344 -30.34 -0.48 -2.50
C ILE A 344 -29.48 -1.70 -2.85
N VAL A 345 -28.42 -1.93 -2.08
CA VAL A 345 -27.58 -3.11 -2.33
C VAL A 345 -28.38 -4.39 -2.13
N ARG A 346 -29.21 -4.43 -1.08
CA ARG A 346 -29.94 -5.65 -0.74
C ARG A 346 -31.23 -5.81 -1.54
N SER A 347 -31.58 -4.88 -2.41
CA SER A 347 -32.79 -4.96 -3.21
C SER A 347 -32.49 -5.22 -4.69
N MET A 348 -31.49 -6.06 -4.97
CA MET A 348 -31.12 -6.40 -6.34
C MET A 348 -30.91 -7.91 -6.45
N GLN A 349 -31.11 -8.42 -7.66
CA GLN A 349 -30.97 -9.84 -7.92
C GLN A 349 -29.53 -10.29 -7.72
N GLY A 350 -29.34 -11.40 -7.00
CA GLY A 350 -28.02 -11.88 -6.67
C GLY A 350 -27.38 -11.17 -5.50
N MET A 351 -28.02 -10.16 -4.93
CA MET A 351 -27.49 -9.38 -3.82
C MET A 351 -28.44 -9.43 -2.62
N GLU A 352 -29.13 -10.57 -2.45
CA GLU A 352 -30.14 -10.65 -1.40
C GLU A 352 -29.53 -10.54 -0.01
N ASN A 353 -28.33 -11.10 0.18
CA ASN A 353 -27.59 -11.01 1.44
C ASN A 353 -26.17 -10.60 1.11
N ALA A 354 -25.92 -9.29 1.09
CA ALA A 354 -24.63 -8.74 0.70
C ALA A 354 -24.03 -7.94 1.84
N LYS A 355 -22.71 -7.86 1.85
CA LYS A 355 -21.97 -7.10 2.85
C LYS A 355 -21.20 -5.97 2.18
N ILE A 356 -21.01 -4.88 2.91
CA ILE A 356 -20.29 -3.71 2.43
C ILE A 356 -19.06 -3.53 3.31
N VAL A 357 -17.90 -3.38 2.68
CA VAL A 357 -16.64 -3.26 3.40
C VAL A 357 -16.18 -1.81 3.42
N ARG A 358 -16.57 -1.04 2.41
CA ARG A 358 -16.16 0.36 2.30
C ARG A 358 -17.37 1.19 1.90
N PRO A 359 -17.87 2.06 2.76
CA PRO A 359 -19.05 2.87 2.38
C PRO A 359 -18.72 3.88 1.31
N GLY A 360 -19.73 4.20 0.49
CA GLY A 360 -19.57 5.23 -0.52
C GLY A 360 -19.60 6.62 0.08
N TYR A 361 -19.04 7.58 -0.65
CA TYR A 361 -18.87 8.92 -0.10
C TYR A 361 -18.52 9.89 -1.22
N ALA A 362 -18.73 11.18 -0.94
CA ALA A 362 -18.34 12.24 -1.85
C ALA A 362 -17.25 13.09 -1.20
N ILE A 363 -16.61 13.93 -2.00
CA ILE A 363 -15.58 14.82 -1.51
C ILE A 363 -15.67 16.15 -2.25
N GLU A 364 -15.37 17.23 -1.53
CA GLU A 364 -15.31 18.57 -2.07
C GLU A 364 -13.89 19.11 -1.89
N TYR A 365 -13.35 19.68 -2.97
CA TYR A 365 -11.96 20.14 -2.99
C TYR A 365 -11.86 21.45 -3.76
N ASP A 366 -10.77 22.17 -3.50
CA ASP A 366 -10.50 23.44 -4.15
C ASP A 366 -9.84 23.23 -5.50
N PHE A 367 -9.93 24.26 -6.34
CA PHE A 367 -9.29 24.26 -7.66
C PHE A 367 -9.03 25.70 -8.07
N PHE A 368 -8.21 25.85 -9.10
CA PHE A 368 -7.93 27.16 -9.69
C PHE A 368 -8.54 27.24 -11.08
N ASP A 369 -9.12 28.39 -11.40
CA ASP A 369 -9.71 28.57 -12.72
C ASP A 369 -8.61 28.65 -13.77
N PRO A 370 -8.67 27.83 -14.81
CA PRO A 370 -7.59 27.76 -15.80
C PRO A 370 -7.62 28.88 -16.84
N ARG A 371 -7.68 30.13 -16.36
CA ARG A 371 -7.62 31.29 -17.23
C ARG A 371 -6.50 32.26 -16.86
N ASP A 372 -5.62 31.87 -15.95
CA ASP A 372 -4.50 32.72 -15.55
C ASP A 372 -3.15 32.03 -15.72
N LEU A 373 -3.07 31.03 -16.60
CA LEU A 373 -1.82 30.33 -16.87
C LEU A 373 -1.60 30.22 -18.37
N LYS A 374 -0.33 30.25 -18.76
CA LYS A 374 0.05 30.14 -20.15
C LYS A 374 -0.26 28.73 -20.68
N PRO A 375 -0.34 28.57 -22.00
CA PRO A 375 -0.59 27.23 -22.55
C PRO A 375 0.49 26.21 -22.22
N THR A 376 1.65 26.66 -21.74
CA THR A 376 2.68 25.76 -21.22
C THR A 376 2.46 25.41 -19.76
N LEU A 377 1.23 25.59 -19.25
CA LEU A 377 0.88 25.29 -17.87
C LEU A 377 1.78 26.03 -16.88
N GLU A 378 2.06 27.29 -17.18
CA GLU A 378 2.77 28.19 -16.28
C GLU A 378 1.88 29.38 -15.98
N SER A 379 1.78 29.74 -14.70
CA SER A 379 0.96 30.88 -14.31
C SER A 379 1.43 32.14 -15.03
N LYS A 380 0.47 32.86 -15.61
CA LYS A 380 0.79 34.06 -16.39
C LYS A 380 1.34 35.18 -15.51
N PHE A 381 1.14 35.12 -14.20
CA PHE A 381 1.56 36.18 -13.29
C PHE A 381 2.90 35.87 -12.61
N ILE A 382 3.09 34.64 -12.15
CA ILE A 382 4.33 34.24 -11.48
C ILE A 382 5.27 33.63 -12.50
N GLN A 383 6.56 33.86 -12.29
CA GLN A 383 7.61 33.23 -13.09
C GLN A 383 8.05 31.94 -12.40
N GLY A 384 7.98 30.82 -13.13
CA GLY A 384 8.48 29.55 -12.63
C GLY A 384 7.47 28.67 -11.95
N LEU A 385 6.23 29.13 -11.75
CA LEU A 385 5.21 28.35 -11.08
C LEU A 385 4.35 27.62 -12.11
N PHE A 386 4.12 26.33 -11.87
CA PHE A 386 3.38 25.49 -12.80
C PHE A 386 2.23 24.81 -12.08
N PHE A 387 1.20 24.46 -12.84
CA PHE A 387 0.02 23.78 -12.31
C PHE A 387 -0.29 22.56 -13.17
N ALA A 388 -0.71 21.48 -12.51
CA ALA A 388 -1.11 20.27 -13.21
C ALA A 388 -2.00 19.44 -12.30
N GLY A 389 -2.82 18.59 -12.92
CA GLY A 389 -3.67 17.69 -12.17
C GLY A 389 -5.06 18.24 -11.93
N GLN A 390 -5.69 17.72 -10.87
CA GLN A 390 -7.07 18.08 -10.56
C GLN A 390 -7.23 19.56 -10.30
N ILE A 391 -6.18 20.23 -9.82
CA ILE A 391 -6.25 21.66 -9.56
C ILE A 391 -6.46 22.48 -10.83
N ASN A 392 -6.31 21.85 -12.00
CA ASN A 392 -6.61 22.49 -13.28
C ASN A 392 -8.07 22.31 -13.68
N GLY A 393 -8.94 21.97 -12.75
CA GLY A 393 -10.35 21.79 -13.04
C GLY A 393 -10.67 20.63 -13.96
N THR A 394 -10.05 19.47 -13.73
CA THR A 394 -10.27 18.28 -14.55
C THR A 394 -10.59 17.10 -13.64
N THR A 395 -10.77 15.93 -14.26
CA THR A 395 -11.02 14.70 -13.52
C THR A 395 -10.59 13.53 -14.39
N GLY A 396 -10.14 12.47 -13.73
CA GLY A 396 -9.70 11.29 -14.43
C GLY A 396 -8.20 11.09 -14.32
N TYR A 397 -7.78 9.82 -14.33
CA TYR A 397 -6.36 9.51 -14.26
C TYR A 397 -5.63 10.01 -15.50
N GLU A 398 -6.20 9.77 -16.68
CA GLU A 398 -5.52 10.11 -17.92
C GLU A 398 -5.45 11.62 -18.15
N GLU A 399 -6.35 12.38 -17.54
CA GLU A 399 -6.35 13.83 -17.71
C GLU A 399 -5.28 14.53 -16.89
N ALA A 400 -4.59 13.80 -16.01
CA ALA A 400 -3.55 14.38 -15.18
C ALA A 400 -2.13 14.01 -15.61
N ALA A 401 -1.94 12.81 -16.16
CA ALA A 401 -0.59 12.38 -16.53
C ALA A 401 -0.01 13.26 -17.63
N ALA A 402 -0.82 13.57 -18.65
CA ALA A 402 -0.32 14.42 -19.74
C ALA A 402 0.00 15.82 -19.24
N GLN A 403 -0.87 16.39 -18.38
CA GLN A 403 -0.61 17.70 -17.82
C GLN A 403 0.68 17.70 -17.01
N GLY A 404 0.87 16.68 -16.18
CA GLY A 404 2.09 16.60 -15.38
C GLY A 404 3.33 16.44 -16.22
N LEU A 405 3.27 15.61 -17.26
CA LEU A 405 4.42 15.40 -18.12
C LEU A 405 4.79 16.70 -18.84
N LEU A 406 3.78 17.40 -19.38
CA LEU A 406 4.08 18.65 -20.08
C LEU A 406 4.60 19.72 -19.11
N ALA A 407 4.05 19.77 -17.90
CA ALA A 407 4.53 20.72 -16.90
C ALA A 407 5.98 20.45 -16.53
N GLY A 408 6.33 19.18 -16.31
CA GLY A 408 7.71 18.85 -16.01
C GLY A 408 8.64 19.16 -17.18
N LEU A 409 8.19 18.86 -18.39
CA LEU A 409 8.97 19.19 -19.59
C LEU A 409 9.27 20.68 -19.65
N ASN A 410 8.23 21.50 -19.52
CA ASN A 410 8.42 22.95 -19.59
C ASN A 410 9.27 23.46 -18.43
N ALA A 411 9.08 22.92 -17.23
CA ALA A 411 9.86 23.36 -16.08
C ALA A 411 11.33 23.05 -16.26
N ALA A 412 11.66 21.85 -16.75
CA ALA A 412 13.06 21.50 -16.94
C ALA A 412 13.67 22.25 -18.12
N ARG A 413 12.88 22.57 -19.14
CA ARG A 413 13.38 23.45 -20.20
C ARG A 413 13.68 24.85 -19.65
N LEU A 414 12.80 25.37 -18.80
CA LEU A 414 13.01 26.71 -18.24
C LEU A 414 14.23 26.74 -17.31
N SER A 415 14.39 25.70 -16.48
CA SER A 415 15.50 25.69 -15.54
C SER A 415 16.83 25.61 -16.25
N ALA A 416 16.86 25.07 -17.47
CA ALA A 416 18.07 25.00 -18.28
C ALA A 416 18.23 26.19 -19.20
N ASP A 417 17.32 27.18 -19.11
CA ASP A 417 17.38 28.41 -19.90
C ASP A 417 17.30 28.10 -21.40
N LYS A 418 16.20 27.44 -21.78
CA LYS A 418 15.86 27.25 -23.18
C LYS A 418 14.37 27.51 -23.36
N GLU A 419 13.99 27.75 -24.62
CA GLU A 419 12.60 28.05 -24.93
C GLU A 419 11.71 26.85 -24.65
N GLY A 420 10.50 27.10 -24.17
CA GLY A 420 9.56 26.06 -23.85
C GLY A 420 8.89 25.47 -25.09
N TRP A 421 7.93 24.60 -24.84
CA TRP A 421 7.21 23.93 -25.92
C TRP A 421 5.79 23.65 -25.48
N ALA A 422 4.87 23.70 -26.43
CA ALA A 422 3.47 23.42 -26.19
C ALA A 422 2.85 22.90 -27.48
N PRO A 423 2.12 21.79 -27.43
CA PRO A 423 1.54 21.25 -28.66
C PRO A 423 0.32 22.05 -29.10
N ALA A 424 -0.03 21.90 -30.37
CA ALA A 424 -1.17 22.58 -30.96
C ALA A 424 -2.37 21.62 -31.02
N ARG A 425 -3.52 22.15 -31.45
CA ARG A 425 -4.73 21.36 -31.57
C ARG A 425 -4.65 20.34 -32.70
N SER A 426 -3.66 20.42 -33.57
CA SER A 426 -3.60 19.58 -34.77
C SER A 426 -2.60 18.44 -34.66
N GLN A 427 -1.93 18.27 -33.52
CA GLN A 427 -0.93 17.23 -33.40
C GLN A 427 -0.99 16.42 -32.11
N ALA A 428 -1.91 16.73 -31.19
CA ALA A 428 -2.01 15.97 -29.95
C ALA A 428 -3.32 16.31 -29.27
N TYR A 429 -3.91 15.31 -28.61
CA TYR A 429 -5.05 15.58 -27.74
C TYR A 429 -4.68 16.46 -26.56
N LEU A 430 -3.41 16.47 -26.17
CA LEU A 430 -2.96 17.37 -25.12
C LEU A 430 -3.13 18.83 -25.51
N GLY A 431 -2.83 19.16 -26.77
CA GLY A 431 -3.05 20.52 -27.24
C GLY A 431 -4.51 20.91 -27.16
N VAL A 432 -5.41 20.02 -27.56
CA VAL A 432 -6.84 20.28 -27.46
C VAL A 432 -7.24 20.47 -26.01
N LEU A 433 -6.73 19.61 -25.12
CA LEU A 433 -7.10 19.69 -23.71
C LEU A 433 -6.67 21.02 -23.10
N VAL A 434 -5.42 21.43 -23.37
CA VAL A 434 -4.91 22.68 -22.84
C VAL A 434 -5.68 23.86 -23.42
N ASP A 435 -5.92 23.86 -24.73
CA ASP A 435 -6.62 24.97 -25.35
C ASP A 435 -8.04 25.10 -24.81
N ASP A 436 -8.75 23.97 -24.67
CA ASP A 436 -10.10 24.03 -24.12
C ASP A 436 -10.10 24.50 -22.67
N LEU A 437 -9.20 23.97 -21.85
CA LEU A 437 -9.16 24.44 -20.46
C LEU A 437 -8.83 25.92 -20.38
N CYS A 438 -8.09 26.46 -21.35
CA CYS A 438 -7.78 27.88 -21.33
C CYS A 438 -8.96 28.75 -21.74
N THR A 439 -9.77 28.31 -22.72
CA THR A 439 -10.79 29.17 -23.31
C THR A 439 -12.13 28.45 -23.42
N LEU A 440 -12.58 27.82 -22.34
CA LEU A 440 -13.92 27.24 -22.30
C LEU A 440 -14.86 28.02 -21.39
N GLY A 441 -14.47 28.24 -20.13
CA GLY A 441 -15.25 29.05 -19.23
C GLY A 441 -16.43 28.35 -18.58
N THR A 442 -16.62 27.06 -18.81
CA THR A 442 -17.73 26.34 -18.20
C THR A 442 -17.37 25.94 -16.77
N LYS A 443 -18.30 25.25 -16.11
CA LYS A 443 -18.11 24.84 -14.72
C LYS A 443 -18.05 23.33 -14.52
N GLU A 444 -18.36 22.54 -15.54
CA GLU A 444 -18.27 21.10 -15.40
C GLU A 444 -16.83 20.67 -15.23
N PRO A 445 -16.58 19.60 -14.47
CA PRO A 445 -15.27 18.94 -14.52
C PRO A 445 -14.97 18.50 -15.94
N TYR A 446 -13.75 18.75 -16.38
CA TYR A 446 -13.38 18.54 -17.79
C TYR A 446 -13.13 17.06 -18.03
N ARG A 447 -13.96 16.46 -18.89
CA ARG A 447 -13.79 15.08 -19.33
C ARG A 447 -13.51 15.07 -20.82
N MET A 448 -12.48 14.35 -21.22
CA MET A 448 -12.10 14.30 -22.62
C MET A 448 -13.01 13.34 -23.39
N PHE A 449 -13.46 13.79 -24.56
CA PHE A 449 -14.27 12.98 -25.46
C PHE A 449 -13.67 13.04 -26.85
N THR A 450 -13.88 11.97 -27.63
CA THR A 450 -13.31 11.91 -28.97
C THR A 450 -13.85 13.03 -29.86
N SER A 451 -15.17 13.26 -29.82
CA SER A 451 -15.78 14.28 -30.66
C SER A 451 -15.42 15.70 -30.22
N ARG A 452 -14.82 15.86 -29.03
CA ARG A 452 -14.47 17.18 -28.53
C ARG A 452 -13.32 17.80 -29.33
N ALA A 453 -12.54 16.99 -30.04
CA ALA A 453 -11.45 17.48 -30.87
C ALA A 453 -11.89 17.54 -32.33
N GLU A 454 -11.49 18.60 -33.01
CA GLU A 454 -11.89 18.84 -34.40
C GLU A 454 -10.97 18.17 -35.41
N TYR A 455 -9.90 17.50 -34.96
CA TYR A 455 -8.98 16.85 -35.88
C TYR A 455 -8.90 15.36 -35.59
N ARG A 456 -10.07 14.73 -35.46
CA ARG A 456 -10.12 13.32 -35.09
C ARG A 456 -9.47 12.44 -36.15
N LEU A 457 -9.65 12.78 -37.43
CA LEU A 457 -9.26 11.88 -38.52
C LEU A 457 -7.76 11.64 -38.58
N MET A 458 -6.94 12.53 -38.01
CA MET A 458 -5.51 12.31 -37.94
C MET A 458 -4.99 12.10 -36.53
N LEU A 459 -5.70 12.57 -35.52
CA LEU A 459 -5.29 12.39 -34.12
C LEU A 459 -5.74 11.02 -33.62
N ARG A 460 -5.17 9.98 -34.23
CA ARG A 460 -5.52 8.60 -33.91
C ARG A 460 -4.63 8.09 -32.79
N GLU A 461 -4.73 6.79 -32.49
CA GLU A 461 -3.93 6.15 -31.45
C GLU A 461 -2.70 5.45 -32.01
N ASP A 462 -2.85 4.74 -33.13
CA ASP A 462 -1.75 3.96 -33.69
C ASP A 462 -0.63 4.83 -34.24
N ASN A 463 -0.90 6.10 -34.53
CA ASN A 463 0.09 6.99 -35.12
C ASN A 463 0.63 8.02 -34.13
N ALA A 464 0.36 7.86 -32.83
CA ALA A 464 0.81 8.85 -31.85
C ALA A 464 2.34 8.93 -31.82
N ASP A 465 3.02 7.78 -31.85
CA ASP A 465 4.47 7.79 -31.88
C ASP A 465 4.98 8.48 -33.14
N LEU A 466 4.35 8.20 -34.28
CA LEU A 466 4.77 8.77 -35.56
C LEU A 466 4.74 10.29 -35.56
N ARG A 467 3.97 10.91 -34.66
CA ARG A 467 3.87 12.35 -34.60
C ARG A 467 4.39 12.95 -33.30
N LEU A 468 4.89 12.14 -32.37
CA LEU A 468 5.42 12.67 -31.12
C LEU A 468 6.83 12.21 -30.75
N THR A 469 7.29 11.06 -31.23
CA THR A 469 8.56 10.55 -30.72
C THR A 469 9.75 11.31 -31.30
N GLU A 470 9.61 11.91 -32.48
CA GLU A 470 10.69 12.74 -33.00
C GLU A 470 10.86 14.01 -32.16
N ILE A 471 9.75 14.60 -31.72
CA ILE A 471 9.82 15.74 -30.81
C ILE A 471 10.42 15.30 -29.48
N GLY A 472 10.02 14.12 -28.99
CA GLY A 472 10.62 13.61 -27.77
C GLY A 472 12.12 13.42 -27.88
N ARG A 473 12.58 12.91 -29.02
CA ARG A 473 14.01 12.76 -29.25
C ARG A 473 14.72 14.10 -29.32
N GLU A 474 14.09 15.10 -29.95
CA GLU A 474 14.73 16.40 -30.08
C GLU A 474 14.93 17.02 -28.70
N LEU A 475 13.96 16.89 -27.80
CA LEU A 475 14.06 17.40 -26.46
C LEU A 475 14.71 16.41 -25.49
N GLY A 476 15.14 15.26 -25.99
CA GLY A 476 15.79 14.27 -25.14
C GLY A 476 14.89 13.58 -24.13
N LEU A 477 13.66 13.26 -24.53
CA LEU A 477 12.76 12.48 -23.70
C LEU A 477 12.68 11.02 -24.12
N VAL A 478 13.42 10.62 -25.15
CA VAL A 478 13.34 9.30 -25.74
C VAL A 478 14.72 8.66 -25.72
N ASP A 479 14.81 7.45 -25.19
CA ASP A 479 16.07 6.73 -25.11
C ASP A 479 16.33 5.97 -26.41
N ASP A 480 17.36 5.12 -26.41
CA ASP A 480 17.83 4.52 -27.66
C ASP A 480 16.92 3.41 -28.17
N GLU A 481 16.30 2.64 -27.28
CA GLU A 481 15.46 1.53 -27.72
C GLU A 481 14.26 2.03 -28.52
N ARG A 482 13.57 3.05 -27.99
CA ARG A 482 12.43 3.62 -28.70
C ARG A 482 12.87 4.25 -30.02
N TRP A 483 14.03 4.91 -30.02
CA TRP A 483 14.53 5.52 -31.26
C TRP A 483 14.79 4.47 -32.32
N ALA A 484 15.43 3.36 -31.94
CA ALA A 484 15.70 2.29 -32.90
C ALA A 484 14.41 1.67 -33.41
N ARG A 485 13.45 1.42 -32.50
CA ARG A 485 12.19 0.84 -32.91
C ARG A 485 11.45 1.76 -33.89
N PHE A 486 11.41 3.06 -33.60
CA PHE A 486 10.73 4.00 -34.49
C PHE A 486 11.44 4.13 -35.82
N ASN A 487 12.77 4.13 -35.82
CA ASN A 487 13.50 4.20 -37.09
C ASN A 487 13.22 2.99 -37.95
N GLU A 488 13.22 1.80 -37.33
CA GLU A 488 12.90 0.58 -38.08
C GLU A 488 11.47 0.64 -38.61
N LYS A 489 10.52 1.09 -37.78
CA LYS A 489 9.13 1.17 -38.22
C LYS A 489 8.97 2.15 -39.38
N LEU A 490 9.62 3.31 -39.30
CA LEU A 490 9.53 4.29 -40.37
C LEU A 490 10.14 3.74 -41.66
N GLU A 491 11.27 3.03 -41.55
CA GLU A 491 11.86 2.40 -42.73
C GLU A 491 10.89 1.40 -43.35
N ASN A 492 10.24 0.61 -42.50
CA ASN A 492 9.24 -0.38 -42.99
C ASN A 492 8.13 0.36 -43.73
N ILE A 493 7.59 1.40 -43.12
CA ILE A 493 6.47 2.13 -43.73
C ILE A 493 6.88 2.70 -45.09
N GLU A 494 8.06 3.32 -45.15
CA GLU A 494 8.50 3.93 -46.41
C GLU A 494 8.72 2.87 -47.48
N ARG A 495 9.34 1.74 -47.11
CA ARG A 495 9.58 0.69 -48.10
C ARG A 495 8.26 0.10 -48.60
N GLU A 496 7.28 -0.08 -47.70
CA GLU A 496 5.98 -0.58 -48.12
C GLU A 496 5.29 0.40 -49.07
N ARG A 497 5.35 1.69 -48.74
CA ARG A 497 4.75 2.70 -49.61
C ARG A 497 5.36 2.66 -51.00
N GLN A 498 6.69 2.58 -51.07
CA GLN A 498 7.34 2.57 -52.37
C GLN A 498 7.01 1.31 -53.16
N ARG A 499 7.04 0.15 -52.52
CA ARG A 499 6.77 -1.08 -53.25
C ARG A 499 5.32 -1.14 -53.73
N LEU A 500 4.38 -0.63 -52.93
CA LEU A 500 3.01 -0.58 -53.42
C LEU A 500 2.86 0.46 -54.53
N LYS A 501 3.68 1.51 -54.51
CA LYS A 501 3.67 2.48 -55.60
C LYS A 501 4.33 1.95 -56.87
N SER A 502 5.06 0.85 -56.78
CA SER A 502 5.85 0.33 -57.90
C SER A 502 5.17 -0.85 -58.59
N THR A 503 3.85 -0.81 -58.78
CA THR A 503 3.12 -1.92 -59.38
C THR A 503 2.14 -1.40 -60.43
N TRP A 504 1.78 -2.28 -61.38
CA TRP A 504 0.87 -1.93 -62.46
C TRP A 504 0.23 -3.20 -63.01
N VAL A 505 -1.07 -3.13 -63.30
CA VAL A 505 -1.84 -4.24 -63.83
C VAL A 505 -2.68 -3.75 -65.01
N THR A 506 -3.04 -4.67 -65.89
CA THR A 506 -3.85 -4.41 -67.07
C THR A 506 -5.01 -5.38 -67.11
N PRO A 507 -6.14 -5.01 -67.75
CA PRO A 507 -7.26 -5.95 -67.83
C PRO A 507 -6.92 -7.26 -68.50
N SER A 508 -6.04 -7.23 -69.50
CA SER A 508 -5.62 -8.44 -70.20
C SER A 508 -4.43 -9.13 -69.53
N ALA A 509 -4.14 -8.81 -68.27
CA ALA A 509 -3.04 -9.45 -67.57
C ALA A 509 -3.35 -10.94 -67.37
N GLU A 510 -2.27 -11.73 -67.33
CA GLU A 510 -2.42 -13.18 -67.24
C GLU A 510 -3.11 -13.59 -65.94
N ALA A 511 -2.76 -12.93 -64.84
CA ALA A 511 -3.36 -13.21 -63.55
C ALA A 511 -4.57 -12.32 -63.24
N ALA A 512 -4.99 -11.48 -64.19
CA ALA A 512 -6.09 -10.55 -63.95
C ALA A 512 -7.46 -11.23 -63.93
N ALA A 513 -7.55 -12.49 -64.35
CA ALA A 513 -8.84 -13.19 -64.33
C ALA A 513 -9.39 -13.28 -62.92
N GLU A 514 -8.58 -13.79 -61.99
CA GLU A 514 -8.99 -13.84 -60.58
C GLU A 514 -9.14 -12.45 -59.99
N VAL A 515 -8.29 -11.49 -60.38
CA VAL A 515 -8.44 -10.12 -59.91
C VAL A 515 -9.83 -9.60 -60.24
N ASN A 516 -10.28 -9.85 -61.46
CA ASN A 516 -11.60 -9.40 -61.87
C ASN A 516 -12.69 -10.26 -61.23
N ALA A 517 -12.36 -11.49 -60.85
CA ALA A 517 -13.37 -12.41 -60.33
C ALA A 517 -13.87 -11.97 -58.95
N HIS A 518 -12.96 -11.68 -58.03
CA HIS A 518 -13.34 -11.33 -56.66
C HIS A 518 -13.32 -9.83 -56.42
N LEU A 519 -13.24 -9.02 -57.47
CA LEU A 519 -13.33 -7.57 -57.36
C LEU A 519 -14.41 -7.07 -58.30
N THR A 520 -15.30 -6.24 -57.79
CA THR A 520 -16.34 -5.65 -58.61
C THR A 520 -15.76 -4.64 -59.58
N ALA A 521 -16.52 -4.33 -60.63
CA ALA A 521 -16.10 -3.42 -61.69
C ALA A 521 -14.75 -3.86 -62.26
N PRO A 522 -14.72 -4.92 -63.06
CA PRO A 522 -13.43 -5.45 -63.54
C PRO A 522 -12.62 -4.40 -64.28
N LEU A 523 -11.31 -4.67 -64.37
CA LEU A 523 -10.38 -3.72 -64.95
C LEU A 523 -10.76 -3.37 -66.39
N SER A 524 -10.68 -2.08 -66.72
CA SER A 524 -10.95 -1.60 -68.06
C SER A 524 -9.79 -0.81 -68.65
N ARG A 525 -8.73 -0.59 -67.87
CA ARG A 525 -7.55 0.13 -68.33
C ARG A 525 -6.38 -0.25 -67.43
N GLU A 526 -5.23 0.38 -67.65
CA GLU A 526 -4.07 0.16 -66.80
C GLU A 526 -4.44 0.40 -65.34
N ALA A 527 -4.14 -0.58 -64.49
CA ALA A 527 -4.46 -0.54 -63.08
C ALA A 527 -3.18 -0.51 -62.27
N SER A 528 -3.34 -0.19 -60.98
CA SER A 528 -2.22 -0.14 -60.05
C SER A 528 -2.76 -0.31 -58.64
N GLY A 529 -1.93 -0.89 -57.77
CA GLY A 529 -2.37 -1.18 -56.42
C GLY A 529 -2.66 0.06 -55.60
N GLU A 530 -1.84 1.10 -55.75
CA GLU A 530 -2.15 2.36 -55.12
C GLU A 530 -3.53 2.86 -55.54
N ASP A 531 -3.96 2.49 -56.74
CA ASP A 531 -5.32 2.74 -57.21
C ASP A 531 -6.23 1.55 -56.98
N LEU A 532 -5.69 0.33 -56.99
CA LEU A 532 -6.52 -0.87 -56.78
C LEU A 532 -7.17 -0.84 -55.41
N LEU A 533 -6.42 -0.44 -54.38
CA LEU A 533 -6.95 -0.46 -53.02
C LEU A 533 -7.94 0.67 -52.78
N ARG A 534 -7.99 1.67 -53.67
CA ARG A 534 -8.90 2.80 -53.52
C ARG A 534 -10.35 2.36 -53.41
N ARG A 535 -10.70 1.19 -53.92
CA ARG A 535 -12.03 0.64 -53.68
C ARG A 535 -12.24 0.44 -52.18
N PRO A 536 -13.41 0.81 -51.64
CA PRO A 536 -13.60 0.69 -50.19
C PRO A 536 -13.77 -0.74 -49.71
N GLU A 537 -14.32 -1.63 -50.54
CA GLU A 537 -14.58 -2.98 -50.07
C GLU A 537 -13.31 -3.80 -49.90
N MET A 538 -12.27 -3.49 -50.67
CA MET A 538 -11.02 -4.24 -50.56
C MET A 538 -10.30 -3.88 -49.26
N THR A 539 -9.49 -4.82 -48.79
CA THR A 539 -8.69 -4.64 -47.58
C THR A 539 -7.21 -4.75 -47.94
N TYR A 540 -6.36 -4.75 -46.91
CA TYR A 540 -4.92 -4.86 -47.10
C TYR A 540 -4.48 -6.32 -47.22
N GLU A 541 -4.84 -7.15 -46.24
CA GLU A 541 -4.39 -8.53 -46.23
C GLU A 541 -4.87 -9.29 -47.46
N LYS A 542 -6.08 -8.98 -47.93
CA LYS A 542 -6.59 -9.63 -49.13
C LYS A 542 -5.72 -9.33 -50.34
N LEU A 543 -5.29 -8.07 -50.50
CA LEU A 543 -4.41 -7.73 -51.60
C LEU A 543 -3.02 -8.34 -51.43
N THR A 544 -2.56 -8.47 -50.18
CA THR A 544 -1.24 -9.07 -49.98
C THR A 544 -1.21 -10.55 -50.36
N THR A 545 -2.34 -11.23 -50.19
CA THR A 545 -2.44 -12.66 -50.57
C THR A 545 -2.95 -12.74 -52.00
N LEU A 546 -2.14 -12.28 -52.97
CA LEU A 546 -2.56 -12.30 -54.39
C LEU A 546 -1.36 -12.71 -55.27
N THR A 547 -1.60 -12.88 -56.57
CA THR A 547 -0.49 -13.22 -57.50
C THR A 547 0.55 -12.13 -57.45
N PRO A 548 0.22 -10.83 -57.63
CA PRO A 548 1.21 -9.77 -57.47
C PRO A 548 1.20 -9.37 -56.00
N PHE A 549 1.78 -8.22 -55.66
CA PHE A 549 1.70 -7.76 -54.28
C PHE A 549 2.09 -8.88 -53.32
N ALA A 550 3.38 -9.22 -53.38
CA ALA A 550 3.99 -10.30 -52.62
C ALA A 550 3.62 -10.21 -51.14
N PRO A 551 3.71 -11.32 -50.39
CA PRO A 551 3.30 -11.33 -48.98
C PRO A 551 3.67 -10.08 -48.19
N ALA A 552 2.76 -9.66 -47.31
CA ALA A 552 2.97 -8.46 -46.52
C ALA A 552 4.12 -8.63 -45.55
N LEU A 553 4.61 -7.50 -45.05
CA LEU A 553 5.68 -7.52 -44.06
C LEU A 553 5.19 -8.14 -42.75
N THR A 554 6.11 -8.79 -42.04
CA THR A 554 5.74 -9.51 -40.82
C THR A 554 5.19 -8.59 -39.75
N ASP A 555 5.63 -7.32 -39.73
CA ASP A 555 5.19 -6.37 -38.71
C ASP A 555 3.90 -5.70 -39.19
N GLU A 556 2.77 -6.29 -38.80
CA GLU A 556 1.47 -5.75 -39.19
C GLU A 556 1.19 -4.41 -38.53
N GLN A 557 1.87 -4.10 -37.41
CA GLN A 557 1.69 -2.80 -36.77
C GLN A 557 2.11 -1.68 -37.69
N ALA A 558 3.17 -1.89 -38.47
CA ALA A 558 3.53 -0.93 -39.52
C ALA A 558 2.64 -1.07 -40.74
N ALA A 559 2.06 -2.27 -40.95
CA ALA A 559 1.26 -2.50 -42.15
C ALA A 559 -0.07 -1.76 -42.10
N GLU A 560 -0.66 -1.64 -40.91
CA GLU A 560 -1.94 -0.94 -40.80
C GLU A 560 -1.80 0.54 -41.15
N GLN A 561 -0.60 1.10 -40.98
CA GLN A 561 -0.39 2.52 -41.26
C GLN A 561 -0.63 2.84 -42.73
N VAL A 562 -0.12 1.99 -43.64
CA VAL A 562 -0.30 2.28 -45.06
C VAL A 562 -1.77 2.18 -45.45
N GLU A 563 -2.49 1.23 -44.87
CA GLU A 563 -3.93 1.13 -45.11
C GLU A 563 -4.65 2.38 -44.64
N ILE A 564 -4.30 2.87 -43.45
CA ILE A 564 -4.94 4.08 -42.94
C ILE A 564 -4.65 5.26 -43.85
N GLN A 565 -3.38 5.40 -44.27
CA GLN A 565 -3.00 6.52 -45.11
C GLN A 565 -3.74 6.50 -46.45
N VAL A 566 -3.80 5.33 -47.09
CA VAL A 566 -4.45 5.27 -48.39
C VAL A 566 -5.96 5.48 -48.27
N LYS A 567 -6.59 4.96 -47.20
CA LYS A 567 -8.02 5.23 -47.03
C LYS A 567 -8.31 6.68 -46.68
N TYR A 568 -7.44 7.36 -45.96
CA TYR A 568 -7.74 8.69 -45.44
C TYR A 568 -6.95 9.81 -46.12
N GLU A 569 -6.29 9.52 -47.25
CA GLU A 569 -5.41 10.51 -47.86
C GLU A 569 -6.13 11.81 -48.19
N GLY A 570 -7.32 11.72 -48.80
CA GLY A 570 -8.01 12.92 -49.20
C GLY A 570 -8.38 13.81 -48.03
N TYR A 571 -8.98 13.22 -47.00
CA TYR A 571 -9.38 14.00 -45.82
C TYR A 571 -8.16 14.55 -45.10
N ILE A 572 -7.09 13.77 -44.99
CA ILE A 572 -5.87 14.28 -44.35
C ILE A 572 -5.32 15.46 -45.13
N ALA A 573 -5.31 15.38 -46.47
CA ALA A 573 -4.80 16.48 -47.28
C ALA A 573 -5.65 17.74 -47.08
N ARG A 574 -6.98 17.58 -47.09
CA ARG A 574 -7.85 18.73 -46.87
C ARG A 574 -7.59 19.37 -45.50
N GLN A 575 -7.49 18.54 -44.46
CA GLN A 575 -7.25 19.08 -43.13
C GLN A 575 -5.87 19.72 -43.01
N GLN A 576 -4.86 19.16 -43.69
CA GLN A 576 -3.52 19.75 -43.63
C GLN A 576 -3.50 21.13 -44.27
N ASP A 577 -4.08 21.27 -45.48
CA ASP A 577 -4.04 22.60 -46.07
C ASP A 577 -4.96 23.55 -45.33
N GLU A 578 -5.97 23.04 -44.62
CA GLU A 578 -6.72 23.90 -43.72
C GLU A 578 -5.84 24.41 -42.57
N ILE A 579 -5.16 23.50 -41.88
CA ILE A 579 -4.37 23.86 -40.70
C ILE A 579 -3.26 24.83 -41.08
N GLU A 580 -2.64 24.63 -42.24
CA GLU A 580 -1.52 25.48 -42.64
C GLU A 580 -1.93 26.96 -42.75
N LYS A 581 -3.22 27.24 -42.95
CA LYS A 581 -3.65 28.62 -43.14
C LYS A 581 -3.76 29.41 -41.84
N GLN A 582 -4.07 28.76 -40.71
CA GLN A 582 -4.20 29.48 -39.46
C GLN A 582 -2.87 29.67 -38.74
N LEU A 583 -1.77 29.19 -39.31
CA LEU A 583 -0.49 29.20 -38.61
C LEU A 583 -0.05 30.62 -38.25
N ARG A 584 -0.36 31.60 -39.10
CA ARG A 584 0.02 32.97 -38.78
C ARG A 584 -0.70 33.48 -37.53
N ASN A 585 -2.00 33.19 -37.42
CA ASN A 585 -2.73 33.55 -36.22
C ASN A 585 -2.25 32.77 -35.01
N GLU A 586 -1.82 31.51 -35.22
CA GLU A 586 -1.23 30.75 -34.12
C GLU A 586 0.05 31.41 -33.63
N ASN A 587 0.88 31.93 -34.55
CA ASN A 587 2.17 32.49 -34.18
C ASN A 587 2.04 33.87 -33.54
N THR A 588 1.04 34.65 -33.91
CA THR A 588 0.89 36.01 -33.41
C THR A 588 0.56 35.96 -31.91
N LEU A 589 1.52 36.35 -31.08
CA LEU A 589 1.36 36.28 -29.63
C LEU A 589 0.81 37.59 -29.07
N LEU A 590 0.15 37.49 -27.92
CA LEU A 590 -0.40 38.64 -27.21
C LEU A 590 0.14 38.64 -25.78
N PRO A 591 0.98 39.61 -25.42
CA PRO A 591 1.54 39.63 -24.07
C PRO A 591 0.48 39.82 -23.01
N ALA A 592 0.73 39.23 -21.83
CA ALA A 592 -0.22 39.33 -20.72
C ALA A 592 -0.30 40.74 -20.15
N THR A 593 0.68 41.59 -20.43
CA THR A 593 0.65 42.97 -19.96
C THR A 593 -0.24 43.87 -20.80
N LEU A 594 -0.82 43.35 -21.87
CA LEU A 594 -1.67 44.15 -22.74
C LEU A 594 -2.91 44.62 -22.00
N ASP A 595 -3.25 45.90 -22.21
CA ASP A 595 -4.44 46.52 -21.63
C ASP A 595 -5.38 46.86 -22.78
N TYR A 596 -6.42 46.05 -22.96
CA TYR A 596 -7.33 46.22 -24.08
C TYR A 596 -8.18 47.48 -23.96
N ARG A 597 -8.20 48.13 -22.79
CA ARG A 597 -8.89 49.40 -22.66
C ARG A 597 -8.23 50.51 -23.48
N GLN A 598 -7.00 50.30 -23.94
CA GLN A 598 -6.27 51.27 -24.74
C GLN A 598 -6.38 50.98 -26.24
N VAL A 599 -7.49 50.38 -26.65
CA VAL A 599 -7.73 50.04 -28.06
C VAL A 599 -9.02 50.72 -28.49
N SER A 600 -8.99 51.39 -29.63
CA SER A 600 -10.13 52.15 -30.13
C SER A 600 -10.92 51.31 -31.15
N GLY A 601 -12.25 51.35 -31.02
CA GLY A 601 -13.12 50.70 -31.95
C GLY A 601 -13.72 49.38 -31.48
N LEU A 602 -13.41 48.94 -30.26
CA LEU A 602 -13.91 47.69 -29.74
C LEU A 602 -14.99 47.94 -28.70
N SER A 603 -16.03 47.10 -28.70
CA SER A 603 -17.16 47.27 -27.80
C SER A 603 -16.75 46.99 -26.36
N ASN A 604 -17.53 47.56 -25.43
CA ASN A 604 -17.21 47.44 -24.00
C ASN A 604 -17.26 45.99 -23.56
N GLU A 605 -18.26 45.24 -24.00
CA GLU A 605 -18.36 43.83 -23.62
C GLU A 605 -17.17 43.03 -24.12
N VAL A 606 -16.72 43.31 -25.35
CA VAL A 606 -15.56 42.61 -25.90
C VAL A 606 -14.30 42.98 -25.12
N ILE A 607 -14.17 44.25 -24.73
CA ILE A 607 -13.02 44.66 -23.93
C ILE A 607 -13.00 43.94 -22.60
N ALA A 608 -14.14 43.87 -21.92
CA ALA A 608 -14.20 43.16 -20.65
C ALA A 608 -13.89 41.69 -20.81
N LYS A 609 -14.44 41.06 -21.86
CA LYS A 609 -14.21 39.64 -22.11
C LYS A 609 -12.72 39.36 -22.35
N LEU A 610 -12.09 40.16 -23.21
CA LEU A 610 -10.69 39.96 -23.54
C LEU A 610 -9.78 40.27 -22.37
N ASN A 611 -10.14 41.27 -21.55
CA ASN A 611 -9.37 41.55 -20.35
C ASN A 611 -9.47 40.41 -19.35
N ASP A 612 -10.65 39.79 -19.24
CA ASP A 612 -10.81 38.67 -18.32
C ASP A 612 -10.03 37.44 -18.78
N HIS A 613 -10.16 37.08 -20.06
CA HIS A 613 -9.51 35.87 -20.55
C HIS A 613 -8.00 36.05 -20.68
N LYS A 614 -7.55 37.17 -21.24
CA LYS A 614 -6.13 37.42 -21.52
C LYS A 614 -5.55 36.29 -22.36
N PRO A 615 -5.92 36.16 -23.63
CA PRO A 615 -5.40 35.06 -24.45
C PRO A 615 -3.91 35.22 -24.72
N ALA A 616 -3.32 34.15 -25.24
CA ALA A 616 -1.91 34.14 -25.61
C ALA A 616 -1.67 34.43 -27.08
N SER A 617 -2.65 34.15 -27.95
CA SER A 617 -2.52 34.39 -29.37
C SER A 617 -3.84 34.91 -29.93
N ILE A 618 -3.76 35.57 -31.08
CA ILE A 618 -4.96 36.08 -31.72
C ILE A 618 -5.88 34.93 -32.15
N GLY A 619 -5.29 33.80 -32.58
CA GLY A 619 -6.10 32.64 -32.90
C GLY A 619 -6.82 32.08 -31.69
N GLN A 620 -6.12 32.01 -30.55
CA GLN A 620 -6.77 31.56 -29.31
C GLN A 620 -7.87 32.53 -28.90
N ALA A 621 -7.63 33.84 -29.07
CA ALA A 621 -8.67 34.82 -28.79
C ALA A 621 -9.89 34.63 -29.69
N SER A 622 -9.65 34.33 -30.97
CA SER A 622 -10.76 34.13 -31.91
C SER A 622 -11.60 32.92 -31.52
N ARG A 623 -11.01 31.94 -30.84
CA ARG A 623 -11.76 30.77 -30.40
C ARG A 623 -12.66 31.07 -29.21
N ILE A 624 -12.53 32.25 -28.59
CA ILE A 624 -13.39 32.63 -27.48
C ILE A 624 -14.79 32.91 -28.00
N SER A 625 -15.80 32.53 -27.22
CA SER A 625 -17.18 32.83 -27.59
C SER A 625 -17.49 34.29 -27.26
N GLY A 626 -18.04 35.01 -28.24
CA GLY A 626 -18.40 36.39 -28.08
C GLY A 626 -17.52 37.38 -28.83
N VAL A 627 -16.47 36.92 -29.51
CA VAL A 627 -15.63 37.78 -30.33
C VAL A 627 -15.84 37.42 -31.79
N THR A 628 -15.92 38.43 -32.63
CA THR A 628 -16.22 38.32 -34.05
C THR A 628 -15.02 38.74 -34.89
N PRO A 629 -15.00 38.40 -36.18
CA PRO A 629 -13.86 38.79 -37.02
C PRO A 629 -13.62 40.29 -37.06
N ALA A 630 -14.64 41.11 -36.86
CA ALA A 630 -14.42 42.55 -36.77
C ALA A 630 -13.49 42.89 -35.61
N ALA A 631 -13.70 42.23 -34.46
CA ALA A 631 -12.85 42.50 -33.29
C ALA A 631 -11.40 42.13 -33.56
N ILE A 632 -11.15 40.96 -34.17
CA ILE A 632 -9.78 40.57 -34.43
C ILE A 632 -9.14 41.47 -35.51
N SER A 633 -9.93 41.92 -36.48
CA SER A 633 -9.40 42.84 -37.48
C SER A 633 -8.98 44.16 -36.84
N ILE A 634 -9.83 44.72 -35.96
CA ILE A 634 -9.47 45.94 -35.26
C ILE A 634 -8.25 45.72 -34.39
N LEU A 635 -8.17 44.55 -33.74
CA LEU A 635 -7.01 44.24 -32.92
C LEU A 635 -5.73 44.19 -33.75
N LEU A 636 -5.80 43.57 -34.93
CA LEU A 636 -4.64 43.53 -35.82
C LEU A 636 -4.23 44.92 -36.25
N VAL A 637 -5.21 45.78 -36.56
CA VAL A 637 -4.89 47.16 -36.93
C VAL A 637 -4.18 47.87 -35.78
N TRP A 638 -4.68 47.68 -34.55
CA TRP A 638 -4.06 48.34 -33.40
C TRP A 638 -2.65 47.81 -33.17
N LEU A 639 -2.44 46.50 -33.31
CA LEU A 639 -1.11 45.91 -33.17
C LEU A 639 -0.15 46.49 -34.22
N LYS A 640 -0.61 46.61 -35.46
CA LYS A 640 0.24 47.20 -36.50
C LYS A 640 0.56 48.65 -36.17
N LYS A 641 -0.41 49.39 -35.62
CA LYS A 641 -0.15 50.78 -35.24
C LYS A 641 0.92 50.86 -34.16
N GLN A 642 0.80 50.03 -33.13
CA GLN A 642 1.74 50.10 -32.01
C GLN A 642 3.07 49.40 -32.28
N GLY A 643 3.20 48.69 -33.39
CA GLY A 643 4.44 48.02 -33.70
C GLY A 643 4.75 46.83 -32.83
N MET A 644 3.77 46.30 -32.11
CA MET A 644 3.97 45.13 -31.28
C MET A 644 4.02 43.84 -32.07
N LEU A 645 3.94 43.90 -33.39
CA LEU A 645 4.05 42.75 -34.27
C LEU A 645 5.08 43.03 -35.35
N ARG A 646 5.91 42.02 -35.64
CA ARG A 646 6.88 42.15 -36.72
C ARG A 646 6.19 42.16 -38.08
N ARG A 647 5.30 41.20 -38.32
CA ARG A 647 4.45 41.18 -39.51
C ARG A 647 3.33 40.19 -39.26
N SER A 648 2.26 40.33 -40.03
CA SER A 648 1.09 39.45 -39.95
C SER A 648 0.75 38.98 -41.35
N ALA A 649 1.37 37.88 -41.78
CA ALA A 649 1.15 37.36 -43.13
C ALA A 649 0.87 35.87 -43.10
N MET B 21 -28.71 4.57 11.77
CA MET B 21 -27.81 4.59 12.93
C MET B 21 -27.39 3.18 13.32
N PHE B 22 -28.31 2.42 13.92
CA PHE B 22 -28.02 1.06 14.31
C PHE B 22 -27.93 0.16 13.09
N TYR B 23 -26.86 -0.64 13.01
CA TYR B 23 -26.70 -1.57 11.91
C TYR B 23 -27.62 -2.77 12.13
N PRO B 24 -28.33 -3.22 11.08
CA PRO B 24 -29.41 -4.19 11.29
C PRO B 24 -28.96 -5.63 11.53
N ASP B 25 -27.67 -5.89 11.71
CA ASP B 25 -27.20 -7.25 11.99
C ASP B 25 -26.29 -7.21 13.22
N PRO B 26 -26.59 -7.96 14.27
CA PRO B 26 -25.69 -8.04 15.42
C PRO B 26 -24.58 -9.06 15.18
N PHE B 27 -23.38 -8.73 15.62
CA PHE B 27 -22.21 -9.59 15.46
C PHE B 27 -21.79 -10.17 16.80
N ASP B 28 -20.95 -11.20 16.72
CA ASP B 28 -20.44 -11.84 17.93
C ASP B 28 -19.30 -11.02 18.54
N VAL B 29 -18.27 -10.72 17.76
CA VAL B 29 -17.13 -9.95 18.24
C VAL B 29 -16.75 -8.88 17.23
N ILE B 30 -16.36 -7.72 17.73
CA ILE B 30 -15.90 -6.59 16.93
C ILE B 30 -14.48 -6.28 17.34
N ILE B 31 -13.56 -6.30 16.37
CA ILE B 31 -12.19 -5.87 16.58
C ILE B 31 -12.05 -4.47 16.00
N ILE B 32 -11.43 -3.58 16.76
CA ILE B 32 -11.21 -2.20 16.35
C ILE B 32 -9.71 -2.06 16.07
N GLY B 33 -9.34 -2.09 14.80
CA GLY B 33 -7.95 -1.92 14.41
C GLY B 33 -7.31 -3.16 13.83
N GLY B 34 -7.19 -3.20 12.50
CA GLY B 34 -6.57 -4.31 11.82
C GLY B 34 -5.08 -4.15 11.59
N GLY B 35 -4.29 -4.20 12.65
CA GLY B 35 -2.85 -4.07 12.54
C GLY B 35 -2.12 -5.39 12.61
N HIS B 36 -1.26 -5.55 13.61
CA HIS B 36 -0.58 -6.82 13.84
C HIS B 36 -1.30 -7.69 14.84
N ALA B 37 -2.09 -7.10 15.74
CA ALA B 37 -2.90 -7.86 16.69
C ALA B 37 -4.34 -8.03 16.24
N GLY B 38 -4.90 -7.03 15.55
CA GLY B 38 -6.29 -7.13 15.12
C GLY B 38 -6.53 -8.22 14.10
N THR B 39 -5.59 -8.39 13.16
CA THR B 39 -5.74 -9.43 12.15
C THR B 39 -5.76 -10.82 12.78
N GLU B 40 -4.85 -11.07 13.71
CA GLU B 40 -4.83 -12.37 14.39
C GLU B 40 -6.10 -12.60 15.19
N ALA B 41 -6.58 -11.55 15.88
CA ALA B 41 -7.83 -11.67 16.63
C ALA B 41 -9.00 -12.01 15.72
N ALA B 42 -9.09 -11.32 14.57
CA ALA B 42 -10.19 -11.57 13.65
C ALA B 42 -10.11 -12.98 13.06
N MET B 43 -8.91 -13.43 12.68
CA MET B 43 -8.78 -14.77 12.14
C MET B 43 -9.15 -15.82 13.17
N ALA B 44 -8.68 -15.66 14.41
CA ALA B 44 -9.01 -16.62 15.45
C ALA B 44 -10.50 -16.64 15.75
N ALA B 45 -11.14 -15.47 15.79
CA ALA B 45 -12.56 -15.40 16.09
C ALA B 45 -13.39 -16.00 14.96
N ALA B 46 -13.05 -15.69 13.71
CA ALA B 46 -13.83 -16.18 12.58
C ALA B 46 -13.64 -17.68 12.39
N ARG B 47 -12.40 -18.17 12.53
CA ARG B 47 -12.14 -19.59 12.37
C ARG B 47 -12.83 -20.43 13.43
N MET B 48 -13.18 -19.83 14.58
CA MET B 48 -13.91 -20.53 15.63
C MET B 48 -15.42 -20.47 15.42
N GLY B 49 -15.87 -20.19 14.21
CA GLY B 49 -17.30 -20.23 13.89
C GLY B 49 -18.15 -19.18 14.58
N GLN B 50 -17.64 -17.95 14.67
CA GLN B 50 -18.40 -16.84 15.24
C GLN B 50 -18.35 -15.66 14.28
N GLN B 51 -19.49 -15.00 14.10
CA GLN B 51 -19.57 -13.86 13.20
C GLN B 51 -18.67 -12.73 13.71
N THR B 52 -17.67 -12.38 12.92
CA THR B 52 -16.62 -11.46 13.31
C THR B 52 -16.64 -10.21 12.44
N LEU B 53 -16.45 -9.05 13.05
CA LEU B 53 -16.41 -7.80 12.31
C LEU B 53 -15.13 -7.04 12.67
N LEU B 54 -14.49 -6.47 11.65
CA LEU B 54 -13.19 -5.81 11.82
C LEU B 54 -13.27 -4.38 11.28
N LEU B 55 -13.16 -3.39 12.17
CA LEU B 55 -13.15 -1.99 11.78
C LEU B 55 -11.70 -1.49 11.69
N THR B 56 -11.40 -0.76 10.62
CA THR B 56 -10.05 -0.22 10.43
C THR B 56 -10.14 1.18 9.84
N HIS B 57 -9.07 1.96 10.04
CA HIS B 57 -8.96 3.24 9.34
C HIS B 57 -9.07 3.06 7.83
N ASN B 58 -8.13 2.33 7.25
CA ASN B 58 -7.97 2.33 5.81
C ASN B 58 -7.30 1.02 5.42
N ILE B 59 -7.65 0.52 4.25
CA ILE B 59 -7.17 -0.77 3.78
C ILE B 59 -6.00 -0.53 2.83
N ASP B 60 -5.28 -1.59 2.50
CA ASP B 60 -3.99 -1.64 1.81
C ASP B 60 -2.86 -1.33 2.78
N THR B 61 -3.17 -1.03 4.04
CA THR B 61 -2.18 -0.94 5.10
C THR B 61 -2.13 -2.19 5.96
N LEU B 62 -2.93 -3.20 5.64
CA LEU B 62 -2.93 -4.45 6.40
C LEU B 62 -1.61 -5.16 6.19
N GLY B 63 -0.88 -5.38 7.29
CA GLY B 63 0.44 -5.98 7.20
C GLY B 63 1.57 -5.00 6.99
N GLN B 64 1.34 -3.71 7.20
CA GLN B 64 2.38 -2.72 7.03
C GLN B 64 3.40 -2.82 8.15
N MET B 65 4.68 -2.72 7.80
CA MET B 65 5.78 -2.72 8.76
C MET B 65 6.33 -1.31 8.84
N SER B 66 6.11 -0.67 9.99
CA SER B 66 6.51 0.72 10.20
C SER B 66 7.87 0.85 10.86
N CYS B 67 8.65 -0.23 10.89
CA CYS B 67 9.96 -0.24 11.54
C CYS B 67 10.85 -1.20 10.76
N ASN B 68 11.94 -1.64 11.39
CA ASN B 68 12.88 -2.60 10.82
C ASN B 68 12.16 -3.74 10.14
N PRO B 69 12.30 -3.90 8.82
CA PRO B 69 11.58 -4.95 8.10
C PRO B 69 12.17 -6.33 8.36
N ALA B 70 12.08 -6.79 9.61
CA ALA B 70 12.58 -8.10 10.00
C ALA B 70 11.55 -8.82 10.85
N ILE B 71 11.58 -10.14 10.81
CA ILE B 71 10.63 -10.98 11.55
C ILE B 71 11.43 -12.02 12.33
N GLY B 72 11.08 -12.19 13.59
CA GLY B 72 11.73 -13.17 14.42
C GLY B 72 12.96 -12.63 15.13
N GLY B 73 13.65 -13.54 15.81
CA GLY B 73 14.83 -13.22 16.57
C GLY B 73 14.81 -13.96 17.88
N ILE B 74 15.68 -13.54 18.80
CA ILE B 74 15.78 -14.16 20.12
C ILE B 74 14.58 -13.70 20.93
N GLY B 75 13.68 -14.64 21.26
CA GLY B 75 12.49 -14.35 22.00
C GLY B 75 11.29 -13.96 21.15
N LYS B 76 11.50 -13.60 19.89
CA LYS B 76 10.43 -13.26 18.98
C LYS B 76 10.03 -14.42 18.08
N GLY B 77 10.99 -15.25 17.67
CA GLY B 77 10.66 -16.42 16.89
C GLY B 77 9.80 -17.41 17.65
N HIS B 78 10.00 -17.50 18.97
CA HIS B 78 9.17 -18.39 19.79
C HIS B 78 7.70 -17.98 19.72
N LEU B 79 7.43 -16.68 19.81
CA LEU B 79 6.05 -16.20 19.71
C LEU B 79 5.47 -16.49 18.33
N VAL B 80 6.27 -16.32 17.28
CA VAL B 80 5.82 -16.64 15.93
C VAL B 80 5.44 -18.11 15.83
N LYS B 81 6.28 -18.99 16.37
CA LYS B 81 5.99 -20.42 16.31
C LYS B 81 4.74 -20.75 17.12
N GLU B 82 4.55 -20.10 18.26
CA GLU B 82 3.33 -20.33 19.05
C GLU B 82 2.09 -19.89 18.28
N VAL B 83 2.16 -18.74 17.61
CA VAL B 83 1.02 -18.28 16.82
C VAL B 83 0.74 -19.25 15.67
N ASP B 84 1.80 -19.72 15.01
CA ASP B 84 1.61 -20.65 13.89
C ASP B 84 1.02 -21.98 14.36
N ALA B 85 1.49 -22.51 15.48
CA ALA B 85 1.03 -23.80 15.96
C ALA B 85 -0.44 -23.78 16.35
N LEU B 86 -0.98 -22.61 16.69
CA LEU B 86 -2.36 -22.48 17.12
C LEU B 86 -3.27 -21.94 16.02
N GLY B 87 -2.74 -21.74 14.81
CA GLY B 87 -3.54 -21.35 13.67
C GLY B 87 -3.40 -19.89 13.28
N GLY B 88 -2.18 -19.36 13.34
CA GLY B 88 -1.93 -17.97 13.02
C GLY B 88 -1.59 -17.75 11.56
N LEU B 89 -1.30 -16.48 11.24
CA LEU B 89 -0.99 -16.07 9.89
C LEU B 89 0.39 -15.45 9.74
N MET B 90 1.00 -14.96 10.82
CA MET B 90 2.29 -14.30 10.71
C MET B 90 3.36 -15.23 10.15
N ALA B 91 3.36 -16.50 10.58
CA ALA B 91 4.36 -17.44 10.08
C ALA B 91 4.10 -17.88 8.65
N LYS B 92 2.90 -17.65 8.12
CA LYS B 92 2.59 -18.01 6.74
C LYS B 92 2.76 -16.85 5.76
N ALA B 93 2.65 -15.60 6.23
CA ALA B 93 2.90 -14.45 5.38
C ALA B 93 4.38 -14.15 5.22
N ILE B 94 5.25 -14.86 5.93
CA ILE B 94 6.68 -14.59 5.94
C ILE B 94 7.40 -15.58 5.04
N ASP B 95 6.83 -16.77 4.85
CA ASP B 95 7.44 -17.75 3.96
C ASP B 95 7.39 -17.32 2.50
N GLN B 96 6.50 -16.41 2.14
CA GLN B 96 6.41 -15.90 0.78
C GLN B 96 6.84 -14.45 0.68
N ALA B 97 7.53 -13.94 1.70
CA ALA B 97 7.96 -12.55 1.72
C ALA B 97 9.37 -12.36 2.26
N GLY B 98 10.09 -13.42 2.60
CA GLY B 98 11.42 -13.29 3.19
C GLY B 98 12.48 -13.25 2.11
N ILE B 99 13.36 -12.26 2.20
CA ILE B 99 14.49 -12.11 1.28
C ILE B 99 15.81 -12.50 1.93
N GLN B 100 15.81 -12.84 3.22
CA GLN B 100 16.99 -13.40 3.87
C GLN B 100 16.55 -14.20 5.08
N PHE B 101 17.20 -15.35 5.29
CA PHE B 101 16.85 -16.25 6.39
C PHE B 101 18.12 -16.66 7.11
N ARG B 102 18.09 -16.62 8.45
CA ARG B 102 19.23 -17.04 9.25
C ARG B 102 18.75 -17.73 10.52
N ILE B 103 19.64 -18.56 11.07
CA ILE B 103 19.45 -19.20 12.37
C ILE B 103 20.46 -18.60 13.34
N LEU B 104 19.96 -18.10 14.46
CA LEU B 104 20.79 -17.56 15.54
C LEU B 104 20.99 -18.62 16.61
N ASN B 105 22.23 -18.69 17.11
CA ASN B 105 22.65 -19.67 18.11
C ASN B 105 22.62 -21.09 17.56
N ALA B 106 22.99 -21.26 16.29
CA ALA B 106 22.95 -22.57 15.67
C ALA B 106 23.94 -23.54 16.30
N SER B 107 25.07 -23.04 16.81
CA SER B 107 26.09 -23.90 17.39
C SER B 107 25.81 -24.30 18.82
N LYS B 108 24.85 -23.67 19.49
CA LYS B 108 24.55 -23.96 20.88
C LYS B 108 23.46 -25.03 20.97
N GLY B 109 22.93 -25.24 22.17
CA GLY B 109 21.90 -26.23 22.39
C GLY B 109 20.60 -25.87 21.68
N PRO B 110 19.85 -26.90 21.26
CA PRO B 110 18.66 -26.64 20.43
C PRO B 110 17.58 -25.83 21.14
N ALA B 111 17.61 -25.72 22.46
CA ALA B 111 16.59 -24.99 23.19
C ALA B 111 16.73 -23.48 23.07
N VAL B 112 17.81 -22.97 22.50
CA VAL B 112 18.07 -21.53 22.46
C VAL B 112 18.15 -20.96 21.04
N ARG B 113 18.16 -21.81 20.01
CA ARG B 113 18.18 -21.31 18.63
C ARG B 113 16.98 -20.40 18.36
N ALA B 114 17.13 -19.61 17.29
CA ALA B 114 16.03 -18.78 16.81
C ALA B 114 16.17 -18.61 15.31
N THR B 115 15.09 -18.19 14.68
CA THR B 115 15.08 -17.96 13.24
C THR B 115 14.73 -16.50 12.97
N ARG B 116 15.57 -15.83 12.18
CA ARG B 116 15.36 -14.41 11.87
C ARG B 116 15.34 -14.24 10.36
N ALA B 117 14.35 -13.48 9.87
CA ALA B 117 14.18 -13.29 8.43
C ALA B 117 14.09 -11.81 8.11
N GLN B 118 14.96 -11.37 7.19
CA GLN B 118 14.80 -10.08 6.53
C GLN B 118 13.74 -10.24 5.44
N ALA B 119 12.69 -9.44 5.50
CA ALA B 119 11.48 -9.68 4.74
C ALA B 119 11.25 -8.60 3.69
N ASP B 120 10.81 -9.02 2.51
CA ASP B 120 10.29 -8.08 1.53
C ASP B 120 8.95 -7.55 2.05
N ARG B 121 8.80 -6.22 2.02
CA ARG B 121 7.66 -5.58 2.67
C ARG B 121 6.38 -5.77 1.87
N VAL B 122 6.44 -5.61 0.56
CA VAL B 122 5.23 -5.66 -0.26
C VAL B 122 4.65 -7.07 -0.31
N LEU B 123 5.52 -8.07 -0.47
CA LEU B 123 5.03 -9.45 -0.50
C LEU B 123 4.34 -9.80 0.81
N TYR B 124 4.88 -9.33 1.94
CA TYR B 124 4.25 -9.56 3.23
C TYR B 124 2.90 -8.86 3.32
N ARG B 125 2.86 -7.59 2.91
CA ARG B 125 1.59 -6.85 2.95
C ARG B 125 0.53 -7.56 2.12
N GLN B 126 0.90 -8.02 0.93
CA GLN B 126 -0.09 -8.66 0.07
C GLN B 126 -0.50 -10.03 0.59
N ALA B 127 0.45 -10.82 1.10
CA ALA B 127 0.08 -12.10 1.69
C ALA B 127 -0.90 -11.91 2.83
N VAL B 128 -0.64 -10.92 3.70
CA VAL B 128 -1.53 -10.65 4.82
C VAL B 128 -2.91 -10.24 4.32
N ARG B 129 -2.95 -9.29 3.38
CA ARG B 129 -4.25 -8.79 2.93
C ARG B 129 -5.06 -9.89 2.26
N THR B 130 -4.43 -10.67 1.39
CA THR B 130 -5.16 -11.70 0.66
C THR B 130 -5.62 -12.82 1.58
N ALA B 131 -4.78 -13.22 2.55
CA ALA B 131 -5.21 -14.24 3.50
C ALA B 131 -6.35 -13.75 4.36
N LEU B 132 -6.31 -12.49 4.80
CA LEU B 132 -7.37 -11.96 5.66
C LEU B 132 -8.65 -11.71 4.88
N GLU B 133 -8.54 -11.45 3.58
CA GLU B 133 -9.68 -10.98 2.81
C GLU B 133 -10.64 -12.11 2.44
N ASN B 134 -10.19 -13.37 2.53
CA ASN B 134 -10.97 -14.54 2.12
C ASN B 134 -11.25 -15.46 3.30
N GLN B 135 -11.62 -14.89 4.44
CA GLN B 135 -11.83 -15.67 5.66
C GLN B 135 -13.31 -15.84 5.94
N PRO B 136 -13.87 -17.04 5.85
CA PRO B 136 -15.31 -17.22 6.08
C PRO B 136 -15.71 -16.81 7.50
N ASN B 137 -16.95 -16.34 7.62
CA ASN B 137 -17.60 -15.87 8.85
C ASN B 137 -17.04 -14.54 9.35
N LEU B 138 -16.19 -13.88 8.57
CA LEU B 138 -15.59 -12.60 8.96
C LEU B 138 -15.95 -11.55 7.92
N MET B 139 -16.14 -10.32 8.38
CA MET B 139 -16.29 -9.19 7.47
C MET B 139 -15.46 -8.00 7.94
N ILE B 140 -14.98 -7.24 6.97
CA ILE B 140 -14.13 -6.09 7.21
C ILE B 140 -14.92 -4.84 6.89
N PHE B 141 -14.53 -3.73 7.53
CA PHE B 141 -15.18 -2.44 7.32
C PHE B 141 -14.16 -1.35 7.55
N GLN B 142 -14.14 -0.37 6.64
CA GLN B 142 -13.20 0.73 6.69
C GLN B 142 -13.91 1.93 7.30
N GLN B 143 -13.58 2.26 8.54
CA GLN B 143 -14.16 3.37 9.27
C GLN B 143 -13.42 3.53 10.58
N ALA B 144 -13.33 4.77 11.04
CA ALA B 144 -12.77 5.05 12.36
C ALA B 144 -13.85 4.88 13.42
N VAL B 145 -13.42 4.81 14.67
CA VAL B 145 -14.34 4.79 15.80
C VAL B 145 -14.13 6.06 16.62
N GLU B 146 -15.20 6.53 17.24
CA GLU B 146 -15.18 7.78 17.98
C GLU B 146 -15.63 7.65 19.42
N ASP B 147 -16.29 6.56 19.79
CA ASP B 147 -16.77 6.36 21.16
C ASP B 147 -17.21 4.90 21.30
N LEU B 148 -17.48 4.50 22.53
CA LEU B 148 -18.01 3.19 22.84
C LEU B 148 -19.27 3.35 23.68
N ILE B 149 -20.01 2.25 23.83
CA ILE B 149 -21.27 2.24 24.57
C ILE B 149 -21.12 1.29 25.74
N VAL B 150 -21.38 1.80 26.95
CA VAL B 150 -21.25 1.02 28.17
C VAL B 150 -22.42 1.34 29.09
N GLU B 151 -23.03 0.31 29.67
CA GLU B 151 -24.03 0.49 30.72
C GLU B 151 -23.90 -0.66 31.71
N ASN B 152 -23.94 -0.32 33.00
CA ASN B 152 -23.86 -1.31 34.09
C ASN B 152 -22.64 -2.20 33.94
N ASP B 153 -21.48 -1.58 33.74
CA ASP B 153 -20.19 -2.27 33.65
C ASP B 153 -20.19 -3.32 32.53
N ARG B 154 -20.88 -3.01 31.43
CA ARG B 154 -20.92 -3.88 30.26
C ARG B 154 -20.73 -3.04 29.01
N VAL B 155 -19.85 -3.48 28.12
CA VAL B 155 -19.61 -2.79 26.85
C VAL B 155 -20.40 -3.49 25.75
N VAL B 156 -21.31 -2.74 25.12
CA VAL B 156 -22.12 -3.27 24.03
C VAL B 156 -22.18 -2.26 22.89
N GLY B 157 -21.40 -2.50 21.85
CA GLY B 157 -21.46 -1.70 20.64
C GLY B 157 -20.40 -0.61 20.61
N ALA B 158 -20.12 -0.14 19.40
CA ALA B 158 -19.16 0.93 19.16
C ALA B 158 -19.74 1.91 18.16
N VAL B 159 -19.27 3.15 18.23
CA VAL B 159 -19.77 4.25 17.39
C VAL B 159 -18.67 4.66 16.43
N THR B 160 -19.02 4.76 15.14
CA THR B 160 -18.07 5.16 14.12
C THR B 160 -18.12 6.68 13.94
N GLN B 161 -17.46 7.19 12.89
CA GLN B 161 -17.38 8.62 12.66
C GLN B 161 -18.56 9.16 11.85
N MET B 162 -19.02 8.42 10.84
CA MET B 162 -20.10 8.91 10.00
C MET B 162 -21.39 9.05 10.79
N GLY B 163 -21.62 8.14 11.73
CA GLY B 163 -22.86 8.13 12.50
C GLY B 163 -23.37 6.72 12.70
N LEU B 164 -23.04 5.83 11.76
CA LEU B 164 -23.41 4.43 11.89
C LEU B 164 -22.72 3.81 13.10
N LYS B 165 -23.47 3.05 13.88
CA LYS B 165 -22.95 2.37 15.06
C LYS B 165 -23.43 0.93 15.08
N PHE B 166 -22.59 0.04 15.60
CA PHE B 166 -22.83 -1.39 15.58
C PHE B 166 -23.16 -1.89 16.97
N ARG B 167 -23.63 -3.14 17.03
CA ARG B 167 -23.90 -3.83 18.28
C ARG B 167 -23.22 -5.19 18.27
N ALA B 168 -22.64 -5.57 19.39
CA ALA B 168 -21.96 -6.85 19.50
C ALA B 168 -21.90 -7.27 20.96
N LYS B 169 -21.56 -8.53 21.18
CA LYS B 169 -21.44 -9.10 22.51
C LYS B 169 -20.02 -9.04 23.06
N ALA B 170 -19.05 -8.59 22.27
CA ALA B 170 -17.68 -8.47 22.73
C ALA B 170 -16.93 -7.51 21.82
N VAL B 171 -15.99 -6.77 22.41
CA VAL B 171 -15.21 -5.76 21.70
C VAL B 171 -13.74 -5.91 22.08
N VAL B 172 -12.86 -5.87 21.08
CA VAL B 172 -11.42 -5.95 21.28
C VAL B 172 -10.78 -4.72 20.66
N LEU B 173 -9.92 -4.06 21.42
CA LEU B 173 -9.23 -2.86 20.97
C LEU B 173 -7.78 -3.21 20.66
N THR B 174 -7.34 -2.89 19.43
CA THR B 174 -5.96 -3.09 18.98
C THR B 174 -5.45 -1.81 18.34
N VAL B 175 -5.62 -0.68 19.03
CA VAL B 175 -5.27 0.62 18.46
C VAL B 175 -3.78 0.69 18.17
N GLY B 176 -2.95 0.22 19.10
CA GLY B 176 -1.50 0.22 18.90
C GLY B 176 -0.88 1.55 19.36
N THR B 177 -0.31 2.29 18.40
CA THR B 177 0.34 3.57 18.70
C THR B 177 -0.44 4.76 18.16
N PHE B 178 -1.69 4.58 17.77
CA PHE B 178 -2.50 5.65 17.19
C PHE B 178 -3.34 6.38 18.22
N LEU B 179 -3.25 6.02 19.50
CA LEU B 179 -4.01 6.69 20.56
C LEU B 179 -3.33 8.02 20.89
N ASP B 180 -3.63 9.02 20.04
CA ASP B 180 -3.20 10.40 20.26
C ASP B 180 -1.68 10.49 20.36
N GLY B 181 -1.03 10.17 19.24
CA GLY B 181 0.42 10.19 19.15
C GLY B 181 0.94 11.44 18.48
N LYS B 182 2.12 11.87 18.90
CA LYS B 182 2.81 13.02 18.32
C LYS B 182 4.14 12.58 17.74
N ILE B 183 4.42 13.02 16.51
CA ILE B 183 5.72 12.85 15.89
C ILE B 183 6.64 13.96 16.39
N HIS B 184 7.85 13.57 16.80
CA HIS B 184 8.88 14.47 17.29
C HIS B 184 10.11 14.35 16.41
N ILE B 185 10.63 15.50 15.97
CA ILE B 185 11.91 15.60 15.29
C ILE B 185 12.65 16.78 15.89
N GLY B 186 13.86 16.53 16.40
CA GLY B 186 14.61 17.60 17.04
C GLY B 186 13.85 18.13 18.24
N LEU B 187 13.56 19.43 18.21
CA LEU B 187 12.75 20.07 19.25
C LEU B 187 11.37 20.49 18.73
N ASP B 188 10.94 19.93 17.61
CA ASP B 188 9.65 20.24 17.02
C ASP B 188 8.78 18.99 16.96
N ASN B 189 7.47 19.21 16.86
CA ASN B 189 6.52 18.12 16.90
C ASN B 189 5.29 18.46 16.08
N TYR B 190 4.56 17.41 15.70
CA TYR B 190 3.28 17.57 15.02
C TYR B 190 2.47 16.28 15.16
N SER B 191 1.16 16.41 15.10
CA SER B 191 0.28 15.26 15.31
C SER B 191 0.44 14.24 14.19
N GLY B 192 0.46 12.96 14.57
CA GLY B 192 0.55 11.89 13.60
C GLY B 192 0.64 10.50 14.22
N GLY B 193 -0.14 9.55 13.71
CA GLY B 193 -0.05 8.19 14.20
C GLY B 193 1.24 7.48 13.81
N ARG B 194 1.77 7.80 12.63
CA ARG B 194 3.12 7.42 12.22
C ARG B 194 3.48 8.22 10.96
N ALA B 195 4.48 7.69 10.25
CA ALA B 195 4.95 8.34 9.01
C ALA B 195 3.85 8.26 7.96
N GLY B 196 3.05 9.31 7.86
CA GLY B 196 2.07 9.32 6.79
C GLY B 196 0.66 8.92 7.18
N ASP B 197 0.38 8.69 8.46
CA ASP B 197 -0.95 8.30 8.88
C ASP B 197 -1.50 9.26 9.93
N PRO B 198 -2.82 9.43 9.98
CA PRO B 198 -3.42 10.42 10.90
C PRO B 198 -3.55 9.85 12.30
N PRO B 199 -3.77 10.70 13.30
CA PRO B 199 -3.97 10.23 14.67
C PRO B 199 -5.43 10.04 15.02
N SER B 200 -5.66 9.17 16.01
CA SER B 200 -7.00 8.90 16.55
C SER B 200 -7.13 9.64 17.88
N ILE B 201 -7.48 10.91 17.79
CA ILE B 201 -7.48 11.80 18.94
C ILE B 201 -8.69 11.57 19.86
N PRO B 202 -9.95 11.69 19.39
CA PRO B 202 -11.08 11.63 20.32
C PRO B 202 -11.19 10.34 21.11
N LEU B 203 -10.83 9.21 20.50
CA LEU B 203 -10.92 7.93 21.20
C LEU B 203 -10.03 7.91 22.43
N SER B 204 -8.91 8.63 22.39
CA SER B 204 -8.05 8.73 23.56
C SER B 204 -8.79 9.37 24.72
N ARG B 205 -9.50 10.47 24.47
CA ARG B 205 -10.28 11.11 25.52
C ARG B 205 -11.40 10.20 26.01
N ARG B 206 -12.09 9.53 25.08
CA ARG B 206 -13.20 8.67 25.47
C ARG B 206 -12.72 7.52 26.35
N LEU B 207 -11.56 6.95 26.04
CA LEU B 207 -11.01 5.90 26.88
C LEU B 207 -10.46 6.45 28.19
N ARG B 208 -9.99 7.70 28.17
CA ARG B 208 -9.44 8.30 29.39
C ARG B 208 -10.53 8.59 30.42
N GLU B 209 -11.70 9.05 29.96
CA GLU B 209 -12.78 9.32 30.90
C GLU B 209 -13.23 8.06 31.64
N LEU B 210 -13.04 6.91 30.99
CA LEU B 210 -13.40 5.61 31.62
C LEU B 210 -12.46 5.36 32.80
N PRO B 211 -12.89 4.73 33.91
CA PRO B 211 -12.01 4.56 35.08
C PRO B 211 -10.81 3.67 34.79
N LEU B 212 -9.84 4.23 34.08
CA LEU B 212 -8.57 3.60 33.77
C LEU B 212 -7.45 4.58 34.04
N ARG B 213 -6.22 4.07 34.05
CA ARG B 213 -5.02 4.89 34.23
C ARG B 213 -4.19 4.81 32.96
N VAL B 214 -3.80 5.97 32.43
CA VAL B 214 -3.16 6.08 31.14
C VAL B 214 -1.84 6.81 31.28
N GLY B 215 -0.83 6.37 30.51
CA GLY B 215 0.46 7.02 30.47
C GLY B 215 0.92 7.22 29.04
N ARG B 216 2.15 7.73 28.91
CA ARG B 216 2.73 8.01 27.61
C ARG B 216 4.13 7.41 27.51
N LEU B 217 4.46 6.90 26.31
CA LEU B 217 5.78 6.40 25.99
C LEU B 217 6.23 6.96 24.65
N LYS B 218 7.53 6.83 24.37
CA LYS B 218 8.10 7.39 23.16
C LYS B 218 9.19 6.47 22.62
N THR B 219 9.22 6.31 21.29
CA THR B 219 10.25 5.53 20.63
C THR B 219 10.47 6.06 19.23
N GLY B 220 11.67 5.83 18.69
CA GLY B 220 12.09 6.44 17.44
C GLY B 220 12.60 5.44 16.43
N THR B 221 12.79 5.92 15.21
CA THR B 221 13.25 5.13 14.08
C THR B 221 14.18 5.98 13.21
N PRO B 222 15.18 5.36 12.60
CA PRO B 222 16.18 6.10 11.83
C PRO B 222 15.70 6.39 10.42
N PRO B 223 16.47 7.16 9.62
CA PRO B 223 16.02 7.49 8.26
C PRO B 223 16.16 6.32 7.28
N ARG B 224 15.90 6.60 6.00
CA ARG B 224 16.04 5.64 4.92
C ARG B 224 16.99 6.20 3.87
N ILE B 225 17.86 5.36 3.34
CA ILE B 225 18.89 5.78 2.39
C ILE B 225 18.50 5.26 1.01
N ASP B 226 19.08 5.89 -0.02
CA ASP B 226 18.86 5.48 -1.39
C ASP B 226 19.98 4.53 -1.81
N ALA B 227 19.60 3.35 -2.33
CA ALA B 227 20.57 2.30 -2.61
C ALA B 227 21.49 2.63 -3.78
N ARG B 228 21.10 3.56 -4.65
CA ARG B 228 21.90 3.90 -5.82
C ARG B 228 22.79 5.11 -5.59
N THR B 229 23.00 5.49 -4.33
CA THR B 229 23.95 6.55 -3.97
C THR B 229 25.00 6.04 -2.99
N ILE B 230 25.04 4.74 -2.72
CA ILE B 230 26.01 4.14 -1.81
C ILE B 230 26.96 3.27 -2.61
N ASP B 231 28.26 3.48 -2.40
CA ASP B 231 29.29 2.73 -3.10
C ASP B 231 29.50 1.40 -2.37
N PHE B 232 28.69 0.40 -2.73
CA PHE B 232 28.78 -0.91 -2.11
C PHE B 232 30.00 -1.70 -2.57
N SER B 233 30.84 -1.14 -3.44
CA SER B 233 32.00 -1.87 -3.93
C SER B 233 33.10 -1.99 -2.90
N VAL B 234 32.99 -1.33 -1.75
CA VAL B 234 34.04 -1.34 -0.74
C VAL B 234 33.42 -1.70 0.61
N LEU B 235 32.17 -2.18 0.58
CA LEU B 235 31.45 -2.55 1.79
C LEU B 235 31.39 -4.07 1.93
N ALA B 236 31.56 -4.55 3.15
CA ALA B 236 31.54 -5.98 3.42
C ALA B 236 30.13 -6.54 3.29
N GLN B 237 30.03 -7.75 2.74
CA GLN B 237 28.77 -8.43 2.52
C GLN B 237 28.54 -9.49 3.59
N GLN B 238 27.27 -9.76 3.87
CA GLN B 238 26.89 -10.80 4.82
C GLN B 238 25.73 -11.60 4.26
N HIS B 239 25.78 -12.92 4.51
CA HIS B 239 24.89 -13.90 3.91
C HIS B 239 24.18 -14.70 4.99
N GLY B 240 23.13 -15.39 4.58
CA GLY B 240 22.40 -16.29 5.46
C GLY B 240 22.87 -17.72 5.32
N ASP B 241 22.12 -18.62 5.97
CA ASP B 241 22.44 -20.04 5.90
C ASP B 241 22.11 -20.60 4.52
N ASN B 242 22.95 -21.53 4.05
CA ASN B 242 22.72 -22.12 2.74
C ASN B 242 21.39 -22.87 2.64
N PRO B 243 21.03 -23.78 3.57
CA PRO B 243 19.66 -24.33 3.55
C PRO B 243 18.71 -23.37 4.24
N MET B 244 17.85 -22.74 3.47
CA MET B 244 16.96 -21.73 4.02
C MET B 244 15.93 -22.38 4.94
N PRO B 245 15.79 -21.92 6.18
CA PRO B 245 14.82 -22.50 7.10
C PRO B 245 13.41 -21.96 6.84
N VAL B 246 12.45 -22.58 7.51
CA VAL B 246 11.05 -22.20 7.39
C VAL B 246 10.48 -21.95 8.78
N PHE B 247 9.42 -21.16 8.83
CA PHE B 247 8.73 -20.81 10.07
C PHE B 247 7.57 -21.76 10.35
N SER B 248 6.61 -21.83 9.43
CA SER B 248 5.42 -22.65 9.64
C SER B 248 5.77 -24.13 9.61
N PHE B 249 4.98 -24.92 10.35
CA PHE B 249 5.10 -26.37 10.33
C PHE B 249 4.46 -27.01 9.11
N MET B 250 4.08 -26.22 8.11
CA MET B 250 3.39 -26.74 6.93
C MET B 250 4.18 -26.51 5.65
N GLY B 251 4.71 -25.31 5.45
CA GLY B 251 5.40 -24.98 4.22
C GLY B 251 6.81 -25.55 4.16
N ASN B 252 7.47 -25.26 3.04
CA ASN B 252 8.82 -25.74 2.79
C ASN B 252 9.62 -24.61 2.16
N ALA B 253 10.82 -24.95 1.65
CA ALA B 253 11.73 -23.96 1.10
C ALA B 253 11.40 -23.55 -0.32
N SER B 254 10.48 -24.24 -0.99
CA SER B 254 10.13 -23.91 -2.37
C SER B 254 9.28 -22.66 -2.48
N GLN B 255 8.78 -22.13 -1.37
CA GLN B 255 7.91 -20.96 -1.39
C GLN B 255 8.65 -19.64 -1.22
N HIS B 256 9.96 -19.68 -0.96
CA HIS B 256 10.68 -18.44 -0.69
C HIS B 256 11.11 -17.77 -1.99
N PRO B 257 11.03 -16.45 -2.07
CA PRO B 257 11.53 -15.73 -3.26
C PRO B 257 13.04 -15.66 -3.29
N GLN B 258 13.59 -14.92 -4.26
CA GLN B 258 15.04 -14.82 -4.41
C GLN B 258 15.67 -14.11 -3.22
N GLN B 259 16.94 -14.41 -2.99
CA GLN B 259 17.66 -13.98 -1.80
C GLN B 259 18.59 -12.82 -2.12
N VAL B 260 18.79 -11.94 -1.14
CA VAL B 260 19.70 -10.80 -1.29
C VAL B 260 20.62 -10.71 -0.07
N PRO B 261 21.83 -10.15 -0.21
CA PRO B 261 22.73 -10.06 0.94
C PRO B 261 22.57 -8.76 1.71
N CYS B 262 23.33 -8.58 2.79
CA CYS B 262 23.29 -7.35 3.57
C CYS B 262 24.69 -6.72 3.58
N TYR B 263 24.75 -5.40 3.78
CA TYR B 263 26.02 -4.69 3.78
C TYR B 263 26.34 -4.19 5.18
N ILE B 264 27.63 -4.20 5.52
CA ILE B 264 28.09 -3.86 6.86
C ILE B 264 29.07 -2.69 6.77
N THR B 265 28.86 -1.67 7.61
CA THR B 265 29.75 -0.52 7.65
C THR B 265 29.98 -0.13 9.10
N HIS B 266 30.81 0.90 9.31
CA HIS B 266 31.16 1.35 10.64
C HIS B 266 31.17 2.87 10.68
N THR B 267 31.36 3.41 11.88
CA THR B 267 31.48 4.84 12.12
C THR B 267 32.93 5.19 12.46
N ASN B 268 33.18 6.49 12.59
CA ASN B 268 34.53 6.98 12.85
C ASN B 268 34.44 8.20 13.75
N GLU B 269 35.62 8.72 14.13
CA GLU B 269 35.69 9.75 15.16
C GLU B 269 34.98 11.03 14.75
N LYS B 270 34.92 11.32 13.45
CA LYS B 270 34.25 12.54 13.00
C LYS B 270 32.76 12.50 13.34
N THR B 271 32.14 11.34 13.21
CA THR B 271 30.73 11.21 13.58
C THR B 271 30.53 11.50 15.06
N HIS B 272 31.39 10.94 15.91
CA HIS B 272 31.28 11.18 17.35
C HIS B 272 31.50 12.66 17.67
N ASP B 273 32.46 13.29 17.01
CA ASP B 273 32.71 14.70 17.23
C ASP B 273 31.50 15.55 16.84
N VAL B 274 30.88 15.23 15.70
CA VAL B 274 29.70 15.97 15.27
C VAL B 274 28.55 15.78 16.25
N ILE B 275 28.34 14.54 16.71
CA ILE B 275 27.26 14.27 17.65
C ILE B 275 27.49 15.04 18.96
N ARG B 276 28.72 15.02 19.48
CA ARG B 276 29.00 15.72 20.72
C ARG B 276 28.85 17.23 20.55
N SER B 277 29.30 17.77 19.41
CA SER B 277 29.20 19.21 19.19
C SER B 277 27.76 19.68 19.12
N ASN B 278 26.90 18.90 18.46
CA ASN B 278 25.51 19.30 18.25
C ASN B 278 24.56 18.55 19.18
N LEU B 279 25.05 18.12 20.35
CA LEU B 279 24.20 17.44 21.31
C LEU B 279 23.19 18.38 21.97
N ASP B 280 23.43 19.69 21.94
CA ASP B 280 22.56 20.62 22.61
C ASP B 280 21.14 20.58 22.05
N ARG B 281 21.01 20.41 20.73
CA ARG B 281 19.71 20.36 20.08
C ARG B 281 19.15 18.94 20.20
N SER B 282 18.53 18.66 21.35
CA SER B 282 17.92 17.36 21.60
C SER B 282 16.91 17.50 22.72
N PRO B 283 15.75 16.86 22.62
CA PRO B 283 14.79 16.94 23.74
C PRO B 283 15.33 16.36 25.03
N MET B 284 16.17 15.34 24.96
CA MET B 284 16.81 14.76 26.13
C MET B 284 18.26 15.22 26.17
N TYR B 285 18.94 14.94 27.28
CA TYR B 285 20.22 15.57 27.61
C TYR B 285 20.04 17.08 27.76
N GLY B 293 13.43 6.84 30.32
CA GLY B 293 14.52 6.27 29.55
C GLY B 293 14.80 4.81 29.90
N PRO B 294 14.85 3.94 28.89
CA PRO B 294 15.12 2.52 29.13
C PRO B 294 16.53 2.32 29.68
N ARG B 295 16.73 1.17 30.31
CA ARG B 295 18.02 0.82 30.89
C ARG B 295 19.09 0.53 29.85
N TYR B 296 18.73 0.41 28.57
CA TYR B 296 19.71 0.31 27.50
C TYR B 296 19.72 1.61 26.71
N CYS B 297 20.52 1.63 25.64
CA CYS B 297 20.66 2.80 24.80
C CYS B 297 20.05 2.56 23.42
N PRO B 298 18.85 3.09 23.14
CA PRO B 298 18.22 2.85 21.84
C PRO B 298 18.81 3.69 20.72
N SER B 299 19.18 4.93 21.03
CA SER B 299 19.67 5.85 20.03
C SER B 299 21.19 5.75 19.92
N ILE B 300 21.79 6.62 19.10
CA ILE B 300 23.21 6.56 18.81
C ILE B 300 24.00 7.55 19.67
N GLU B 301 23.44 8.74 19.91
CA GLU B 301 24.10 9.66 20.84
C GLU B 301 24.18 9.06 22.25
N ASP B 302 23.18 8.27 22.63
CA ASP B 302 23.30 7.52 23.88
C ASP B 302 24.45 6.52 23.80
N LYS B 303 24.63 5.88 22.64
CA LYS B 303 25.71 4.92 22.49
C LYS B 303 27.07 5.57 22.74
N VAL B 304 27.28 6.77 22.21
CA VAL B 304 28.57 7.44 22.38
C VAL B 304 28.71 8.02 23.78
N MET B 305 27.64 8.60 24.34
CA MET B 305 27.79 9.25 25.64
C MET B 305 27.89 8.26 26.79
N ARG B 306 27.10 7.19 26.77
CA ARG B 306 27.20 6.20 27.83
C ARG B 306 28.55 5.50 27.83
N PHE B 307 29.13 5.27 26.65
CA PHE B 307 30.44 4.63 26.51
C PHE B 307 31.27 5.53 25.60
N ALA B 308 31.97 6.50 26.19
CA ALA B 308 32.73 7.46 25.39
C ALA B 308 34.10 6.95 24.97
N ASP B 309 34.59 5.88 25.58
CA ASP B 309 35.91 5.37 25.21
C ASP B 309 35.88 4.62 23.89
N ARG B 310 34.79 3.92 23.58
CA ARG B 310 34.69 3.17 22.34
C ARG B 310 34.67 4.12 21.15
N ASN B 311 35.41 3.76 20.10
CA ASN B 311 35.58 4.62 18.94
C ASN B 311 35.09 3.97 17.65
N GLN B 312 34.39 2.84 17.73
CA GLN B 312 33.85 2.17 16.55
C GLN B 312 32.48 1.59 16.88
N HIS B 313 31.60 1.61 15.88
CA HIS B 313 30.26 1.05 16.00
C HIS B 313 29.89 0.35 14.71
N GLN B 314 29.00 -0.63 14.80
CA GLN B 314 28.58 -1.43 13.66
C GLN B 314 27.24 -0.95 13.15
N ILE B 315 27.15 -0.74 11.83
CA ILE B 315 25.94 -0.27 11.18
C ILE B 315 25.59 -1.25 10.07
N PHE B 316 24.33 -1.65 9.99
CA PHE B 316 23.86 -2.54 8.93
C PHE B 316 23.08 -1.75 7.89
N LEU B 317 23.24 -2.13 6.63
CA LEU B 317 22.45 -1.60 5.52
C LEU B 317 21.75 -2.76 4.86
N GLU B 318 20.42 -2.76 4.91
CA GLU B 318 19.72 -3.87 4.28
C GLU B 318 18.59 -3.38 3.38
N PRO B 319 18.32 -4.08 2.29
CA PRO B 319 17.26 -3.62 1.38
C PRO B 319 15.88 -3.87 1.95
N GLU B 320 14.97 -2.93 1.70
CA GLU B 320 13.59 -3.09 2.11
C GLU B 320 12.83 -4.07 1.22
N GLY B 321 13.41 -4.49 0.10
CA GLY B 321 12.77 -5.45 -0.78
C GLY B 321 13.68 -5.73 -1.95
N LEU B 322 13.24 -6.69 -2.77
CA LEU B 322 13.98 -7.09 -3.95
C LEU B 322 13.61 -6.26 -5.18
N THR B 323 12.74 -5.27 -5.03
CA THR B 323 12.26 -4.49 -6.16
C THR B 323 12.27 -2.99 -5.91
N SER B 324 12.75 -2.54 -4.74
CA SER B 324 12.90 -1.12 -4.44
C SER B 324 14.32 -0.88 -3.94
N ASN B 325 14.85 0.31 -4.22
CA ASN B 325 16.22 0.65 -3.85
C ASN B 325 16.28 1.53 -2.61
N GLU B 326 15.39 1.30 -1.64
CA GLU B 326 15.49 1.94 -0.34
C GLU B 326 16.22 1.02 0.62
N ILE B 327 17.23 1.55 1.29
CA ILE B 327 18.05 0.82 2.25
C ILE B 327 17.67 1.28 3.65
N TYR B 328 17.38 0.33 4.52
CA TYR B 328 17.18 0.62 5.93
C TYR B 328 18.52 0.51 6.64
N PRO B 329 19.00 1.58 7.30
CA PRO B 329 20.16 1.46 8.16
C PRO B 329 19.78 1.09 9.58
N ASN B 330 20.36 0.01 10.07
CA ASN B 330 20.13 -0.48 11.43
C ASN B 330 21.33 -0.14 12.31
N GLY B 331 21.04 0.52 13.43
CA GLY B 331 22.06 0.90 14.40
C GLY B 331 22.33 2.40 14.49
N ILE B 332 21.60 3.24 13.77
CA ILE B 332 21.92 4.65 13.68
C ILE B 332 20.68 5.48 14.03
N SER B 333 19.78 4.90 14.83
CA SER B 333 18.60 5.62 15.27
C SER B 333 18.99 6.79 16.17
N THR B 334 18.26 7.90 16.05
CA THR B 334 18.55 9.10 16.83
C THR B 334 17.34 10.01 16.82
N SER B 335 17.46 11.14 17.52
CA SER B 335 16.42 12.16 17.56
C SER B 335 16.95 13.55 17.23
N LEU B 336 18.17 13.64 16.71
CA LEU B 336 18.82 14.90 16.40
C LEU B 336 18.21 15.53 15.15
N PRO B 337 18.37 16.84 14.96
CA PRO B 337 17.77 17.49 13.79
C PRO B 337 18.38 17.02 12.48
N PHE B 338 17.78 17.47 11.38
CA PHE B 338 18.09 16.92 10.07
C PHE B 338 19.54 17.16 9.68
N ASP B 339 20.09 18.32 10.02
CA ASP B 339 21.47 18.62 9.64
C ASP B 339 22.44 17.62 10.25
N VAL B 340 22.24 17.28 11.52
CA VAL B 340 23.09 16.30 12.18
C VAL B 340 22.93 14.94 11.53
N GLN B 341 21.69 14.57 11.18
CA GLN B 341 21.44 13.31 10.50
C GLN B 341 22.23 13.24 9.20
N MET B 342 22.18 14.31 8.40
CA MET B 342 22.89 14.35 7.14
C MET B 342 24.39 14.25 7.35
N GLN B 343 24.92 14.96 8.35
CA GLN B 343 26.36 14.90 8.61
C GLN B 343 26.79 13.50 9.03
N ILE B 344 26.01 12.85 9.90
CA ILE B 344 26.35 11.50 10.34
C ILE B 344 26.31 10.53 9.18
N VAL B 345 25.29 10.65 8.31
CA VAL B 345 25.22 9.79 7.14
C VAL B 345 26.42 10.03 6.23
N ARG B 346 26.81 11.28 6.04
CA ARG B 346 27.86 11.63 5.10
C ARG B 346 29.26 11.50 5.69
N SER B 347 29.39 11.12 6.96
CA SER B 347 30.69 10.96 7.60
C SER B 347 31.02 9.49 7.87
N MET B 348 30.66 8.59 6.95
CA MET B 348 30.96 7.18 7.09
C MET B 348 31.51 6.62 5.78
N GLN B 349 32.30 5.55 5.90
CA GLN B 349 32.92 4.94 4.73
C GLN B 349 31.85 4.34 3.81
N GLY B 350 31.98 4.63 2.51
CA GLY B 350 31.01 4.20 1.54
C GLY B 350 29.77 5.07 1.45
N MET B 351 29.67 6.09 2.31
CA MET B 351 28.53 6.99 2.35
C MET B 351 28.95 8.43 2.13
N GLU B 352 29.99 8.64 1.31
CA GLU B 352 30.55 9.97 1.14
C GLU B 352 29.54 10.92 0.47
N ASN B 353 28.75 10.40 -0.46
CA ASN B 353 27.71 11.17 -1.13
C ASN B 353 26.43 10.34 -1.10
N ALA B 354 25.63 10.52 -0.06
CA ALA B 354 24.42 9.73 0.15
C ALA B 354 23.20 10.64 0.19
N LYS B 355 22.06 10.06 -0.18
CA LYS B 355 20.78 10.78 -0.18
C LYS B 355 19.83 10.12 0.81
N ILE B 356 18.95 10.92 1.39
CA ILE B 356 17.95 10.46 2.35
C ILE B 356 16.58 10.72 1.76
N VAL B 357 15.73 9.69 1.75
CA VAL B 357 14.40 9.79 1.14
C VAL B 357 13.35 9.95 2.23
N ARG B 358 13.61 9.39 3.41
CA ARG B 358 12.67 9.42 4.53
C ARG B 358 13.44 9.80 5.78
N PRO B 359 13.19 10.97 6.37
CA PRO B 359 13.92 11.35 7.58
C PRO B 359 13.51 10.52 8.79
N GLY B 360 14.46 10.35 9.71
CA GLY B 360 14.17 9.67 10.96
C GLY B 360 13.36 10.52 11.92
N TYR B 361 12.69 9.86 12.86
CA TYR B 361 11.76 10.56 13.73
C TYR B 361 11.37 9.68 14.90
N ALA B 362 10.87 10.31 15.95
CA ALA B 362 10.34 9.59 17.11
C ALA B 362 8.84 9.86 17.22
N ILE B 363 8.17 9.09 18.05
CA ILE B 363 6.74 9.24 18.29
C ILE B 363 6.44 8.96 19.75
N GLU B 364 5.47 9.70 20.28
CA GLU B 364 4.97 9.52 21.64
C GLU B 364 3.50 9.15 21.57
N TYR B 365 3.11 8.12 22.32
CA TYR B 365 1.76 7.57 22.27
C TYR B 365 1.31 7.18 23.66
N ASP B 366 -0.01 7.08 23.83
CA ASP B 366 -0.61 6.69 25.09
C ASP B 366 -0.64 5.18 25.25
N PHE B 367 -0.78 4.74 26.50
CA PHE B 367 -0.90 3.32 26.81
C PHE B 367 -1.65 3.19 28.13
N PHE B 368 -2.07 1.96 28.43
CA PHE B 368 -2.73 1.63 29.68
C PHE B 368 -1.82 0.74 30.51
N ASP B 369 -1.77 0.99 31.81
CA ASP B 369 -0.94 0.17 32.69
C ASP B 369 -1.57 -1.21 32.82
N PRO B 370 -0.82 -2.27 32.55
CA PRO B 370 -1.38 -3.64 32.55
C PRO B 370 -1.53 -4.24 33.95
N ARG B 371 -2.22 -3.52 34.83
CA ARG B 371 -2.53 -4.03 36.17
C ARG B 371 -4.01 -3.98 36.48
N ASP B 372 -4.87 -3.70 35.49
CA ASP B 372 -6.30 -3.66 35.71
C ASP B 372 -7.05 -4.59 34.75
N LEU B 373 -6.38 -5.60 34.23
CA LEU B 373 -7.01 -6.56 33.33
C LEU B 373 -6.68 -7.98 33.77
N LYS B 374 -7.63 -8.89 33.53
CA LYS B 374 -7.46 -10.29 33.88
C LYS B 374 -6.39 -10.92 33.00
N PRO B 375 -5.83 -12.07 33.41
CA PRO B 375 -4.83 -12.74 32.57
C PRO B 375 -5.37 -13.18 31.21
N THR B 376 -6.69 -13.19 31.03
CA THR B 376 -7.29 -13.43 29.72
C THR B 376 -7.40 -12.15 28.90
N LEU B 377 -6.62 -11.12 29.25
CA LEU B 377 -6.62 -9.84 28.54
C LEU B 377 -8.01 -9.22 28.49
N GLU B 378 -8.74 -9.31 29.60
CA GLU B 378 -10.02 -8.65 29.77
C GLU B 378 -9.93 -7.70 30.95
N SER B 379 -10.41 -6.48 30.78
CA SER B 379 -10.38 -5.50 31.86
C SER B 379 -11.12 -6.04 33.08
N LYS B 380 -10.48 -5.92 34.25
CA LYS B 380 -11.06 -6.46 35.47
C LYS B 380 -12.30 -5.70 35.91
N PHE B 381 -12.51 -4.50 35.40
CA PHE B 381 -13.64 -3.66 35.80
C PHE B 381 -14.82 -3.74 34.84
N ILE B 382 -14.56 -3.74 33.53
CA ILE B 382 -15.60 -3.80 32.52
C ILE B 382 -15.80 -5.25 32.09
N GLN B 383 -17.04 -5.61 31.79
CA GLN B 383 -17.37 -6.91 31.24
C GLN B 383 -17.35 -6.83 29.72
N GLY B 384 -16.55 -7.67 29.08
CA GLY B 384 -16.53 -7.78 27.63
C GLY B 384 -15.51 -6.93 26.92
N LEU B 385 -14.76 -6.09 27.64
CA LEU B 385 -13.75 -5.24 27.02
C LEU B 385 -12.39 -5.91 27.10
N PHE B 386 -11.67 -5.90 25.97
CA PHE B 386 -10.38 -6.56 25.87
C PHE B 386 -9.34 -5.58 25.37
N PHE B 387 -8.08 -5.85 25.70
CA PHE B 387 -6.95 -5.03 25.29
C PHE B 387 -5.86 -5.90 24.69
N ALA B 388 -5.22 -5.41 23.64
CA ALA B 388 -4.11 -6.11 23.02
C ALA B 388 -3.28 -5.12 22.23
N GLY B 389 -2.02 -5.47 22.01
CA GLY B 389 -1.13 -4.65 21.21
C GLY B 389 -0.30 -3.69 22.03
N GLN B 390 0.13 -2.62 21.36
CA GLN B 390 1.02 -1.64 21.98
C GLN B 390 0.39 -0.99 23.21
N ILE B 391 -0.94 -0.90 23.25
CA ILE B 391 -1.62 -0.31 24.38
C ILE B 391 -1.44 -1.12 25.65
N ASN B 392 -0.91 -2.34 25.55
CA ASN B 392 -0.55 -3.15 26.71
C ASN B 392 0.87 -2.88 27.19
N GLY B 393 1.46 -1.75 26.81
CA GLY B 393 2.81 -1.41 27.22
C GLY B 393 3.90 -2.33 26.71
N THR B 394 3.85 -2.67 25.42
CA THR B 394 4.83 -3.55 24.81
C THR B 394 5.36 -2.91 23.53
N THR B 395 6.24 -3.63 22.84
CA THR B 395 6.78 -3.18 21.57
C THR B 395 7.24 -4.38 20.77
N GLY B 396 7.14 -4.27 19.46
CA GLY B 396 7.54 -5.35 18.57
C GLY B 396 6.35 -5.99 17.88
N TYR B 397 6.59 -6.48 16.66
CA TYR B 397 5.52 -7.14 15.91
C TYR B 397 5.07 -8.42 16.61
N GLU B 398 6.03 -9.24 17.05
CA GLU B 398 5.70 -10.53 17.64
C GLU B 398 5.02 -10.41 18.99
N GLU B 399 5.21 -9.29 19.70
CA GLU B 399 4.61 -9.11 21.00
C GLU B 399 3.14 -8.71 20.92
N ALA B 400 2.62 -8.44 19.73
CA ALA B 400 1.23 -8.07 19.55
C ALA B 400 0.37 -9.17 18.95
N ALA B 401 0.93 -10.01 18.08
CA ALA B 401 0.13 -11.05 17.43
C ALA B 401 -0.42 -12.05 18.44
N ALA B 402 0.42 -12.49 19.38
CA ALA B 402 -0.03 -13.44 20.38
C ALA B 402 -1.10 -12.83 21.28
N GLN B 403 -0.91 -11.57 21.70
CA GLN B 403 -1.91 -10.89 22.51
C GLN B 403 -3.23 -10.79 21.76
N GLY B 404 -3.18 -10.39 20.49
CA GLY B 404 -4.41 -10.27 19.72
C GLY B 404 -5.11 -11.60 19.52
N LEU B 405 -4.34 -12.65 19.24
CA LEU B 405 -4.94 -13.98 19.04
C LEU B 405 -5.61 -14.45 20.32
N LEU B 406 -4.94 -14.30 21.47
CA LEU B 406 -5.54 -14.74 22.73
C LEU B 406 -6.75 -13.90 23.08
N ALA B 407 -6.70 -12.58 22.81
CA ALA B 407 -7.85 -11.73 23.08
C ALA B 407 -9.05 -12.13 22.22
N GLY B 408 -8.82 -12.39 20.94
CA GLY B 408 -9.91 -12.84 20.09
C GLY B 408 -10.46 -14.20 20.51
N LEU B 409 -9.57 -15.11 20.89
CA LEU B 409 -10.00 -16.41 21.40
C LEU B 409 -10.92 -16.25 22.61
N ASN B 410 -10.48 -15.47 23.59
CA ASN B 410 -11.27 -15.28 24.80
C ASN B 410 -12.58 -14.56 24.50
N ALA B 411 -12.54 -13.56 23.61
CA ALA B 411 -13.75 -12.82 23.27
C ALA B 411 -14.79 -13.72 22.60
N ALA B 412 -14.34 -14.57 21.67
CA ALA B 412 -15.28 -15.45 21.00
C ALA B 412 -15.78 -16.56 21.92
N ARG B 413 -14.95 -17.01 22.86
CA ARG B 413 -15.44 -17.94 23.88
C ARG B 413 -16.50 -17.27 24.76
N LEU B 414 -16.28 -16.02 25.14
CA LEU B 414 -17.24 -15.32 25.99
C LEU B 414 -18.54 -15.06 25.25
N SER B 415 -18.47 -14.66 23.98
CA SER B 415 -19.68 -14.36 23.22
C SER B 415 -20.54 -15.61 23.02
N ALA B 416 -19.92 -16.79 23.04
CA ALA B 416 -20.65 -18.04 22.92
C ALA B 416 -21.03 -18.64 24.26
N ASP B 417 -20.77 -17.91 25.36
CA ASP B 417 -21.13 -18.34 26.70
C ASP B 417 -20.45 -19.66 27.07
N LYS B 418 -19.12 -19.64 27.03
CA LYS B 418 -18.30 -20.74 27.53
C LYS B 418 -17.13 -20.16 28.30
N GLU B 419 -16.54 -21.01 29.15
CA GLU B 419 -15.43 -20.57 29.98
C GLU B 419 -14.21 -20.22 29.12
N GLY B 420 -13.48 -19.19 29.54
CA GLY B 420 -12.32 -18.73 28.82
C GLY B 420 -11.12 -19.63 29.04
N TRP B 421 -9.98 -19.18 28.49
CA TRP B 421 -8.74 -19.93 28.59
C TRP B 421 -7.56 -18.98 28.63
N ALA B 422 -6.52 -19.38 29.36
CA ALA B 422 -5.30 -18.59 29.48
C ALA B 422 -4.16 -19.54 29.75
N PRO B 423 -3.05 -19.45 29.01
CA PRO B 423 -1.93 -20.36 29.23
C PRO B 423 -1.15 -19.99 30.49
N ALA B 424 -0.40 -20.96 30.99
CA ALA B 424 0.42 -20.79 32.17
C ALA B 424 1.87 -20.52 31.76
N ARG B 425 2.71 -20.24 32.76
CA ARG B 425 4.13 -19.99 32.52
C ARG B 425 4.89 -21.23 32.08
N SER B 426 4.30 -22.42 32.18
CA SER B 426 5.01 -23.66 31.93
C SER B 426 4.67 -24.29 30.59
N GLN B 427 3.84 -23.65 29.76
CA GLN B 427 3.44 -24.26 28.49
C GLN B 427 3.47 -23.32 27.30
N ALA B 428 3.80 -22.04 27.49
CA ALA B 428 3.85 -21.09 26.38
C ALA B 428 4.57 -19.83 26.82
N TYR B 429 5.30 -19.23 25.89
CA TYR B 429 5.86 -17.90 26.13
C TYR B 429 4.77 -16.85 26.29
N LEU B 430 3.59 -17.09 25.73
CA LEU B 430 2.48 -16.17 25.92
C LEU B 430 2.07 -16.10 27.39
N GLY B 431 2.05 -17.24 28.09
CA GLY B 431 1.77 -17.23 29.50
C GLY B 431 2.77 -16.39 30.29
N VAL B 432 4.06 -16.55 29.97
CA VAL B 432 5.09 -15.76 30.63
C VAL B 432 4.89 -14.27 30.33
N LEU B 433 4.58 -13.94 29.07
CA LEU B 433 4.41 -12.54 28.68
C LEU B 433 3.25 -11.91 29.44
N VAL B 434 2.11 -12.61 29.49
CA VAL B 434 0.95 -12.09 30.20
C VAL B 434 1.22 -11.96 31.68
N ASP B 435 1.83 -12.99 32.29
CA ASP B 435 2.09 -12.94 33.71
C ASP B 435 3.04 -11.80 34.06
N ASP B 436 4.11 -11.62 33.27
CA ASP B 436 5.03 -10.52 33.53
C ASP B 436 4.36 -9.17 33.35
N LEU B 437 3.59 -8.99 32.28
CA LEU B 437 2.92 -7.71 32.10
C LEU B 437 1.93 -7.44 33.23
N CYS B 438 1.39 -8.49 33.85
CA CYS B 438 0.46 -8.27 34.95
C CYS B 438 1.16 -7.89 36.24
N THR B 439 2.34 -8.46 36.52
CA THR B 439 2.98 -8.30 37.83
C THR B 439 4.47 -7.96 37.69
N LEU B 440 4.78 -6.98 36.86
CA LEU B 440 6.15 -6.46 36.77
C LEU B 440 6.29 -5.07 37.37
N GLY B 441 5.47 -4.12 36.94
CA GLY B 441 5.46 -2.79 37.52
C GLY B 441 6.56 -1.87 37.03
N THR B 442 7.38 -2.29 36.09
CA THR B 442 8.45 -1.43 35.59
C THR B 442 7.89 -0.45 34.55
N LYS B 443 8.77 0.37 33.99
CA LYS B 443 8.37 1.38 33.02
C LYS B 443 8.96 1.18 31.63
N GLU B 444 9.90 0.24 31.46
CA GLU B 444 10.45 -0.01 30.15
C GLU B 444 9.39 -0.62 29.23
N PRO B 445 9.44 -0.32 27.94
CA PRO B 445 8.67 -1.12 26.98
C PRO B 445 9.07 -2.57 27.07
N TYR B 446 8.07 -3.45 27.07
CA TYR B 446 8.31 -4.87 27.33
C TYR B 446 8.86 -5.54 26.09
N ARG B 447 10.09 -6.05 26.18
CA ARG B 447 10.73 -6.82 25.13
C ARG B 447 10.96 -8.23 25.63
N MET B 448 10.56 -9.23 24.84
CA MET B 448 10.71 -10.62 25.24
C MET B 448 12.14 -11.08 25.03
N PHE B 449 12.68 -11.78 26.03
CA PHE B 449 14.00 -12.37 25.96
C PHE B 449 13.92 -13.83 26.38
N THR B 450 14.83 -14.65 25.85
CA THR B 450 14.80 -16.08 26.16
C THR B 450 15.01 -16.33 27.64
N SER B 451 15.99 -15.65 28.25
CA SER B 451 16.28 -15.85 29.67
C SER B 451 15.20 -15.30 30.58
N ARG B 452 14.25 -14.52 30.04
CA ARG B 452 13.20 -13.95 30.86
C ARG B 452 12.21 -14.99 31.34
N ALA B 453 12.16 -16.15 30.69
CA ALA B 453 11.29 -17.25 31.09
C ALA B 453 12.08 -18.29 31.87
N GLU B 454 11.47 -18.82 32.93
CA GLU B 454 12.13 -19.77 33.82
C GLU B 454 11.98 -21.20 33.35
N TYR B 455 11.27 -21.46 32.26
CA TYR B 455 11.08 -22.82 31.77
C TYR B 455 11.62 -22.96 30.36
N ARG B 456 12.83 -22.46 30.13
CA ARG B 456 13.41 -22.46 28.79
C ARG B 456 13.60 -23.87 28.26
N LEU B 457 14.00 -24.81 29.13
CA LEU B 457 14.44 -26.12 28.68
C LEU B 457 13.32 -26.92 28.02
N MET B 458 12.05 -26.60 28.29
CA MET B 458 10.93 -27.24 27.60
C MET B 458 10.16 -26.31 26.69
N LEU B 459 10.23 -25.00 26.90
CA LEU B 459 9.53 -24.04 26.05
C LEU B 459 10.39 -23.72 24.83
N ARG B 460 10.57 -24.74 23.99
CA ARG B 460 11.39 -24.64 22.81
C ARG B 460 10.54 -24.20 21.62
N GLU B 461 11.13 -24.19 20.43
CA GLU B 461 10.43 -23.81 19.20
C GLU B 461 9.92 -25.02 18.43
N ASP B 462 10.72 -26.07 18.32
CA ASP B 462 10.34 -27.24 17.52
C ASP B 462 9.18 -28.02 18.13
N ASN B 463 8.90 -27.84 19.42
CA ASN B 463 7.85 -28.59 20.10
C ASN B 463 6.62 -27.75 20.41
N ALA B 464 6.52 -26.55 19.84
CA ALA B 464 5.38 -25.68 20.14
C ALA B 464 4.06 -26.33 19.70
N ASP B 465 4.04 -26.92 18.51
CA ASP B 465 2.84 -27.61 18.06
C ASP B 465 2.49 -28.76 18.99
N LEU B 466 3.50 -29.53 19.42
CA LEU B 466 3.29 -30.67 20.28
C LEU B 466 2.60 -30.30 21.59
N ARG B 467 2.70 -29.04 22.01
CA ARG B 467 2.09 -28.60 23.26
C ARG B 467 0.97 -27.58 23.08
N LEU B 468 0.63 -27.21 21.85
CA LEU B 468 -0.43 -26.24 21.63
C LEU B 468 -1.51 -26.67 20.64
N THR B 469 -1.22 -27.57 19.69
CA THR B 469 -2.19 -27.83 18.64
C THR B 469 -3.35 -28.68 19.14
N GLU B 470 -3.15 -29.50 20.17
CA GLU B 470 -4.27 -30.24 20.75
C GLU B 470 -5.25 -29.30 21.43
N ILE B 471 -4.74 -28.27 22.12
CA ILE B 471 -5.61 -27.25 22.70
C ILE B 471 -6.31 -26.49 21.60
N GLY B 472 -5.59 -26.16 20.52
CA GLY B 472 -6.23 -25.49 19.40
C GLY B 472 -7.36 -26.32 18.80
N ARG B 473 -7.15 -27.63 18.68
CA ARG B 473 -8.19 -28.52 18.18
C ARG B 473 -9.38 -28.58 19.13
N GLU B 474 -9.12 -28.61 20.44
CA GLU B 474 -10.22 -28.69 21.40
C GLU B 474 -11.10 -27.45 21.31
N LEU B 475 -10.51 -26.28 21.15
CA LEU B 475 -11.25 -25.04 21.00
C LEU B 475 -11.64 -24.74 19.57
N GLY B 476 -11.31 -25.64 18.63
CA GLY B 476 -11.66 -25.45 17.23
C GLY B 476 -10.91 -24.33 16.54
N LEU B 477 -9.62 -24.17 16.81
CA LEU B 477 -8.77 -23.23 16.09
C LEU B 477 -7.90 -23.91 15.04
N VAL B 478 -8.00 -25.22 14.90
CA VAL B 478 -7.14 -26.00 14.01
C VAL B 478 -8.01 -26.76 13.02
N ASP B 479 -7.69 -26.64 11.74
CA ASP B 479 -8.44 -27.30 10.68
C ASP B 479 -7.89 -28.71 10.48
N ASP B 480 -8.35 -29.38 9.42
CA ASP B 480 -8.08 -30.81 9.24
C ASP B 480 -6.65 -31.10 8.80
N GLU B 481 -6.05 -30.23 7.98
CA GLU B 481 -4.70 -30.48 7.47
C GLU B 481 -3.69 -30.51 8.62
N ARG B 482 -3.75 -29.50 9.49
CA ARG B 482 -2.84 -29.46 10.64
C ARG B 482 -3.09 -30.65 11.57
N TRP B 483 -4.35 -31.02 11.77
CA TRP B 483 -4.67 -32.17 12.62
C TRP B 483 -4.06 -33.44 12.07
N ALA B 484 -4.22 -33.67 10.76
CA ALA B 484 -3.64 -34.87 10.14
C ALA B 484 -2.13 -34.86 10.23
N ARG B 485 -1.50 -33.71 9.97
CA ARG B 485 -0.05 -33.63 10.05
C ARG B 485 0.45 -33.92 11.46
N PHE B 486 -0.22 -33.35 12.46
CA PHE B 486 0.20 -33.58 13.85
C PHE B 486 -0.03 -35.02 14.27
N ASN B 487 -1.15 -35.63 13.85
CA ASN B 487 -1.39 -37.03 14.18
C ASN B 487 -0.32 -37.93 13.57
N GLU B 488 0.03 -37.68 12.31
CA GLU B 488 1.09 -38.45 11.68
C GLU B 488 2.42 -38.25 12.40
N LYS B 489 2.74 -37.00 12.76
CA LYS B 489 4.00 -36.72 13.45
C LYS B 489 4.05 -37.41 14.81
N LEU B 490 2.95 -37.37 15.56
CA LEU B 490 2.90 -38.04 16.85
C LEU B 490 3.05 -39.54 16.71
N GLU B 491 2.40 -40.12 15.70
CA GLU B 491 2.57 -41.55 15.44
C GLU B 491 4.03 -41.88 15.15
N ASN B 492 4.67 -41.04 14.34
CA ASN B 492 6.11 -41.24 14.01
C ASN B 492 6.93 -41.21 15.31
N ILE B 493 6.70 -40.19 16.13
CA ILE B 493 7.49 -40.04 17.36
C ILE B 493 7.31 -41.25 18.26
N GLU B 494 6.07 -41.69 18.44
CA GLU B 494 5.81 -42.84 19.32
C GLU B 494 6.46 -44.10 18.77
N ARG B 495 6.34 -44.34 17.46
CA ARG B 495 6.95 -45.54 16.89
C ARG B 495 8.46 -45.51 17.01
N GLU B 496 9.08 -44.34 16.79
CA GLU B 496 10.52 -44.22 16.96
C GLU B 496 10.93 -44.49 18.40
N ARG B 497 10.19 -43.93 19.36
CA ARG B 497 10.50 -44.17 20.77
C ARG B 497 10.44 -45.65 21.10
N GLN B 498 9.40 -46.33 20.63
CA GLN B 498 9.26 -47.76 20.94
C GLN B 498 10.38 -48.57 20.30
N ARG B 499 10.68 -48.31 19.02
CA ARG B 499 11.70 -49.11 18.35
C ARG B 499 13.08 -48.88 18.96
N LEU B 500 13.38 -47.64 19.38
CA LEU B 500 14.66 -47.44 20.05
C LEU B 500 14.66 -48.08 21.43
N LYS B 501 13.49 -48.14 22.09
CA LYS B 501 13.41 -48.86 23.36
C LYS B 501 13.50 -50.37 23.20
N SER B 502 13.37 -50.87 21.98
CA SER B 502 13.34 -52.32 21.73
C SER B 502 14.68 -52.85 21.17
N THR B 503 15.81 -52.35 21.65
CA THR B 503 17.11 -52.84 21.20
C THR B 503 18.01 -53.15 22.39
N TRP B 504 18.94 -54.08 22.19
CA TRP B 504 19.88 -54.52 23.22
C TRP B 504 21.16 -55.01 22.58
N VAL B 505 22.29 -54.66 23.19
CA VAL B 505 23.62 -55.03 22.70
C VAL B 505 24.44 -55.55 23.88
N THR B 506 25.45 -56.36 23.55
CA THR B 506 26.37 -56.94 24.52
C THR B 506 27.80 -56.68 24.07
N PRO B 507 28.75 -56.63 25.01
CA PRO B 507 30.16 -56.41 24.61
C PRO B 507 30.68 -57.46 23.64
N SER B 508 30.24 -58.71 23.78
CA SER B 508 30.67 -59.78 22.89
C SER B 508 29.79 -59.91 21.66
N ALA B 509 29.01 -58.88 21.33
CA ALA B 509 28.18 -58.92 20.14
C ALA B 509 29.04 -58.96 18.89
N GLU B 510 28.51 -59.61 17.85
CA GLU B 510 29.28 -59.80 16.61
C GLU B 510 29.64 -58.47 15.96
N ALA B 511 28.70 -57.52 15.96
CA ALA B 511 28.93 -56.21 15.40
C ALA B 511 29.41 -55.19 16.43
N ALA B 512 29.69 -55.63 17.66
CA ALA B 512 30.09 -54.70 18.72
C ALA B 512 31.54 -54.23 18.58
N ALA B 513 32.34 -54.84 17.70
CA ALA B 513 33.71 -54.39 17.53
C ALA B 513 33.76 -52.95 17.03
N GLU B 514 33.04 -52.65 15.95
CA GLU B 514 32.95 -51.28 15.47
C GLU B 514 32.24 -50.37 16.45
N VAL B 515 31.22 -50.87 17.16
CA VAL B 515 30.56 -50.06 18.19
C VAL B 515 31.58 -49.60 19.22
N ASN B 516 32.45 -50.50 19.66
CA ASN B 516 33.47 -50.14 20.64
C ASN B 516 34.56 -49.28 20.00
N ALA B 517 34.76 -49.40 18.68
CA ALA B 517 35.85 -48.70 18.02
C ALA B 517 35.64 -47.20 18.00
N HIS B 518 34.46 -46.74 17.57
CA HIS B 518 34.19 -45.32 17.45
C HIS B 518 33.40 -44.76 18.63
N LEU B 519 33.29 -45.52 19.73
CA LEU B 519 32.66 -45.05 20.94
C LEU B 519 33.63 -45.25 22.10
N THR B 520 33.82 -44.20 22.90
CA THR B 520 34.68 -44.30 24.06
C THR B 520 34.03 -45.16 25.13
N ALA B 521 34.85 -45.65 26.06
CA ALA B 521 34.40 -46.53 27.14
C ALA B 521 33.66 -47.73 26.56
N PRO B 522 34.38 -48.69 25.97
CA PRO B 522 33.71 -49.82 25.30
C PRO B 522 32.78 -50.57 26.22
N LEU B 523 31.85 -51.31 25.61
CA LEU B 523 30.82 -52.01 26.37
C LEU B 523 31.42 -52.99 27.36
N SER B 524 30.87 -53.00 28.57
CA SER B 524 31.28 -53.92 29.62
C SER B 524 30.14 -54.76 30.15
N ARG B 525 28.92 -54.53 29.68
CA ARG B 525 27.75 -55.29 30.10
C ARG B 525 26.67 -55.13 29.03
N GLU B 526 25.50 -55.70 29.29
CA GLU B 526 24.37 -55.54 28.38
C GLU B 526 24.11 -54.06 28.12
N ALA B 527 24.07 -53.71 26.84
CA ALA B 527 23.85 -52.33 26.41
C ALA B 527 22.50 -52.22 25.70
N SER B 528 22.09 -50.98 25.46
CA SER B 528 20.84 -50.69 24.78
C SER B 528 20.91 -49.31 24.17
N GLY B 529 20.20 -49.13 23.06
CA GLY B 529 20.25 -47.85 22.36
C GLY B 529 19.74 -46.69 23.18
N GLU B 530 18.65 -46.91 23.92
CA GLU B 530 18.15 -45.88 24.82
C GLU B 530 19.22 -45.49 25.84
N ASP B 531 20.04 -46.45 26.24
CA ASP B 531 21.19 -46.17 27.09
C ASP B 531 22.44 -45.83 26.27
N LEU B 532 22.55 -46.37 25.06
CA LEU B 532 23.71 -46.10 24.22
C LEU B 532 23.81 -44.61 23.90
N LEU B 533 22.68 -43.97 23.62
CA LEU B 533 22.70 -42.57 23.21
C LEU B 533 22.95 -41.65 24.40
N ARG B 534 22.81 -42.16 25.63
CA ARG B 534 23.00 -41.34 26.83
C ARG B 534 24.37 -40.69 26.89
N ARG B 535 25.37 -41.24 26.20
CA ARG B 535 26.64 -40.55 26.06
C ARG B 535 26.44 -39.21 25.36
N PRO B 536 27.07 -38.14 25.84
CA PRO B 536 26.83 -36.83 25.21
C PRO B 536 27.48 -36.67 23.84
N GLU B 537 28.62 -37.33 23.59
CA GLU B 537 29.32 -37.14 22.33
C GLU B 537 28.58 -37.76 21.15
N MET B 538 27.80 -38.82 21.39
CA MET B 538 27.07 -39.46 20.32
C MET B 538 25.91 -38.59 19.86
N THR B 539 25.52 -38.76 18.59
CA THR B 539 24.41 -38.04 18.00
C THR B 539 23.34 -39.04 17.58
N TYR B 540 22.31 -38.54 16.89
CA TYR B 540 21.23 -39.38 16.41
C TYR B 540 21.56 -40.03 15.07
N GLU B 541 21.95 -39.23 14.08
CA GLU B 541 22.20 -39.75 12.75
C GLU B 541 23.34 -40.76 12.75
N LYS B 542 24.34 -40.56 13.61
CA LYS B 542 25.44 -41.52 13.69
C LYS B 542 24.94 -42.88 14.17
N LEU B 543 24.06 -42.89 15.18
CA LEU B 543 23.53 -44.16 15.66
C LEU B 543 22.61 -44.80 14.62
N THR B 544 21.86 -43.98 13.87
CA THR B 544 21.02 -44.53 12.81
C THR B 544 21.83 -45.21 11.72
N THR B 545 23.11 -44.86 11.59
CA THR B 545 24.00 -45.53 10.65
C THR B 545 24.75 -46.62 11.40
N LEU B 546 24.13 -47.79 11.51
CA LEU B 546 24.74 -48.87 12.27
C LEU B 546 24.09 -50.17 11.81
N THR B 547 24.75 -51.29 12.11
CA THR B 547 24.14 -52.59 11.79
C THR B 547 22.84 -52.81 12.55
N PRO B 548 22.76 -52.60 13.88
CA PRO B 548 21.44 -52.39 14.49
C PRO B 548 21.03 -50.93 14.32
N PHE B 549 19.91 -50.52 14.91
CA PHE B 549 19.41 -49.16 14.78
C PHE B 549 19.23 -48.80 13.30
N ALA B 550 18.27 -49.49 12.69
CA ALA B 550 17.96 -49.40 11.27
C ALA B 550 17.82 -47.96 10.82
N PRO B 551 17.99 -47.67 9.51
CA PRO B 551 17.93 -46.29 9.01
C PRO B 551 16.81 -45.45 9.61
N ALA B 552 17.12 -44.19 9.90
CA ALA B 552 16.15 -43.30 10.55
C ALA B 552 14.96 -43.04 9.62
N LEU B 553 13.89 -42.57 10.23
CA LEU B 553 12.70 -42.22 9.48
C LEU B 553 12.98 -41.02 8.57
N THR B 554 12.28 -40.98 7.44
CA THR B 554 12.55 -39.94 6.45
C THR B 554 12.24 -38.55 6.98
N ASP B 555 11.30 -38.43 7.92
CA ASP B 555 10.90 -37.14 8.47
C ASP B 555 11.81 -36.80 9.64
N GLU B 556 12.91 -36.09 9.34
CA GLU B 556 13.85 -35.71 10.39
C GLU B 556 13.26 -34.70 11.37
N GLN B 557 12.21 -33.97 10.96
CA GLN B 557 11.56 -33.04 11.86
C GLN B 557 10.97 -33.76 13.07
N ALA B 558 10.43 -34.96 12.86
CA ALA B 558 10.02 -35.80 13.98
C ALA B 558 11.21 -36.48 14.64
N ALA B 559 12.31 -36.67 13.90
CA ALA B 559 13.45 -37.40 14.43
C ALA B 559 14.20 -36.57 15.48
N GLU B 560 14.27 -35.25 15.29
CA GLU B 560 14.98 -34.42 16.26
C GLU B 560 14.29 -34.44 17.62
N GLN B 561 12.98 -34.71 17.64
CA GLN B 561 12.25 -34.70 18.90
C GLN B 561 12.75 -35.79 19.85
N VAL B 562 13.00 -36.99 19.34
CA VAL B 562 13.45 -38.06 20.20
C VAL B 562 14.85 -37.76 20.75
N GLU B 563 15.71 -37.16 19.93
CA GLU B 563 17.02 -36.74 20.40
C GLU B 563 16.89 -35.71 21.53
N ILE B 564 16.01 -34.73 21.36
CA ILE B 564 15.82 -33.72 22.38
C ILE B 564 15.31 -34.36 23.67
N GLN B 565 14.34 -35.27 23.55
CA GLN B 565 13.76 -35.89 24.74
C GLN B 565 14.81 -36.71 25.49
N VAL B 566 15.59 -37.51 24.77
CA VAL B 566 16.58 -38.35 25.44
C VAL B 566 17.69 -37.52 26.07
N LYS B 567 18.12 -36.43 25.40
CA LYS B 567 19.13 -35.57 26.02
C LYS B 567 18.60 -34.80 27.22
N TYR B 568 17.32 -34.40 27.22
CA TYR B 568 16.81 -33.51 28.25
C TYR B 568 15.86 -34.19 29.23
N GLU B 569 15.78 -35.53 29.23
CA GLU B 569 14.78 -36.23 30.04
C GLU B 569 14.89 -35.88 31.52
N GLY B 570 16.11 -35.90 32.06
CA GLY B 570 16.26 -35.63 33.49
C GLY B 570 15.79 -34.25 33.88
N TYR B 571 16.24 -33.23 33.15
CA TYR B 571 15.84 -31.86 33.46
C TYR B 571 14.35 -31.66 33.27
N ILE B 572 13.78 -32.23 32.20
CA ILE B 572 12.34 -32.13 31.99
C ILE B 572 11.58 -32.78 33.14
N ALA B 573 12.03 -33.94 33.60
CA ALA B 573 11.34 -34.59 34.71
C ALA B 573 11.40 -33.75 35.98
N ARG B 574 12.58 -33.19 36.28
CA ARG B 574 12.71 -32.33 37.46
C ARG B 574 11.77 -31.13 37.36
N GLN B 575 11.75 -30.48 36.20
CA GLN B 575 10.89 -29.31 36.05
C GLN B 575 9.42 -29.69 36.10
N GLN B 576 9.05 -30.86 35.57
CA GLN B 576 7.64 -31.28 35.63
C GLN B 576 7.19 -31.53 37.06
N ASP B 577 7.98 -32.26 37.85
CA ASP B 577 7.52 -32.47 39.21
C ASP B 577 7.61 -31.20 40.04
N GLU B 578 8.46 -30.25 39.63
CA GLU B 578 8.41 -28.92 40.24
C GLU B 578 7.10 -28.23 39.94
N ILE B 579 6.72 -28.15 38.65
CA ILE B 579 5.53 -27.41 38.24
C ILE B 579 4.28 -28.02 38.86
N GLU B 580 4.23 -29.35 38.96
CA GLU B 580 3.03 -29.99 39.49
C GLU B 580 2.72 -29.55 40.92
N LYS B 581 3.72 -29.08 41.66
CA LYS B 581 3.52 -28.72 43.07
C LYS B 581 2.82 -27.37 43.24
N GLN B 582 3.04 -26.41 42.34
CA GLN B 582 2.42 -25.10 42.49
C GLN B 582 1.00 -25.04 41.93
N LEU B 583 0.48 -26.16 41.40
CA LEU B 583 -0.81 -26.13 40.71
C LEU B 583 -1.93 -25.69 41.64
N ARG B 584 -1.86 -26.03 42.92
CA ARG B 584 -2.91 -25.62 43.85
C ARG B 584 -2.93 -24.10 44.01
N ASN B 585 -1.75 -23.49 44.13
CA ASN B 585 -1.69 -22.03 44.19
C ASN B 585 -2.11 -21.39 42.87
N GLU B 586 -1.83 -22.06 41.75
CA GLU B 586 -2.31 -21.57 40.47
C GLU B 586 -3.84 -21.57 40.41
N ASN B 587 -4.47 -22.61 40.97
CA ASN B 587 -5.91 -22.75 40.89
C ASN B 587 -6.64 -21.82 41.84
N THR B 588 -6.05 -21.50 42.99
CA THR B 588 -6.71 -20.67 43.99
C THR B 588 -6.89 -19.26 43.46
N LEU B 589 -8.12 -18.88 43.14
CA LEU B 589 -8.41 -17.58 42.54
C LEU B 589 -8.73 -16.55 43.62
N LEU B 590 -8.49 -15.28 43.28
CA LEU B 590 -8.79 -14.15 44.15
C LEU B 590 -9.69 -13.18 43.41
N PRO B 591 -10.95 -13.02 43.83
CA PRO B 591 -11.85 -12.10 43.11
C PRO B 591 -11.37 -10.67 43.19
N ALA B 592 -11.69 -9.90 42.13
CA ALA B 592 -11.29 -8.50 42.07
C ALA B 592 -12.04 -7.64 43.06
N THR B 593 -13.16 -8.12 43.60
CA THR B 593 -13.92 -7.38 44.60
C THR B 593 -13.35 -7.50 45.99
N LEU B 594 -12.27 -8.26 46.17
CA LEU B 594 -11.67 -8.44 47.47
C LEU B 594 -11.09 -7.13 47.99
N ASP B 595 -11.34 -6.86 49.27
CA ASP B 595 -10.81 -5.68 49.95
C ASP B 595 -9.82 -6.17 51.01
N TYR B 596 -8.53 -6.02 50.73
CA TYR B 596 -7.50 -6.54 51.63
C TYR B 596 -7.42 -5.75 52.93
N ARG B 597 -8.07 -4.60 53.02
CA ARG B 597 -8.12 -3.86 54.28
C ARG B 597 -8.92 -4.61 55.34
N GLN B 598 -9.71 -5.61 54.94
CA GLN B 598 -10.51 -6.40 55.87
C GLN B 598 -9.81 -7.70 56.26
N VAL B 599 -8.47 -7.71 56.27
CA VAL B 599 -7.70 -8.88 56.63
C VAL B 599 -6.80 -8.51 57.80
N SER B 600 -6.77 -9.35 58.82
CA SER B 600 -6.02 -9.09 60.04
C SER B 600 -4.67 -9.79 59.99
N GLY B 601 -3.63 -9.08 60.40
CA GLY B 601 -2.29 -9.64 60.49
C GLY B 601 -1.35 -9.26 59.38
N LEU B 602 -1.77 -8.46 58.42
CA LEU B 602 -0.95 -8.07 57.28
C LEU B 602 -0.49 -6.63 57.43
N SER B 603 0.75 -6.36 57.05
CA SER B 603 1.33 -5.04 57.19
C SER B 603 0.68 -4.04 56.24
N ASN B 604 0.77 -2.76 56.61
CA ASN B 604 0.12 -1.72 55.82
C ASN B 604 0.68 -1.64 54.40
N GLU B 605 2.01 -1.75 54.28
CA GLU B 605 2.62 -1.70 52.95
C GLU B 605 2.16 -2.87 52.08
N VAL B 606 2.04 -4.06 52.67
CA VAL B 606 1.57 -5.22 51.93
C VAL B 606 0.11 -5.03 51.52
N ILE B 607 -0.71 -4.46 52.40
CA ILE B 607 -2.10 -4.20 52.07
C ILE B 607 -2.20 -3.23 50.90
N ALA B 608 -1.43 -2.14 50.94
CA ALA B 608 -1.46 -1.18 49.84
C ALA B 608 -0.98 -1.82 48.54
N LYS B 609 0.09 -2.61 48.60
CA LYS B 609 0.61 -3.27 47.41
C LYS B 609 -0.40 -4.22 46.79
N LEU B 610 -1.03 -5.05 47.63
CA LEU B 610 -2.00 -6.03 47.12
C LEU B 610 -3.27 -5.35 46.63
N ASN B 611 -3.68 -4.24 47.27
CA ASN B 611 -4.82 -3.49 46.77
C ASN B 611 -4.52 -2.85 45.43
N ASP B 612 -3.29 -2.39 45.22
CA ASP B 612 -2.93 -1.78 43.95
C ASP B 612 -2.87 -2.82 42.84
N HIS B 613 -2.20 -3.94 43.09
CA HIS B 613 -2.03 -4.95 42.04
C HIS B 613 -3.33 -5.70 41.75
N LYS B 614 -4.04 -6.12 42.80
CA LYS B 614 -5.24 -6.95 42.67
C LYS B 614 -4.95 -8.20 41.85
N PRO B 615 -4.18 -9.15 42.38
CA PRO B 615 -3.85 -10.35 41.60
C PRO B 615 -5.08 -11.21 41.36
N ALA B 616 -4.91 -12.19 40.45
CA ALA B 616 -5.97 -13.15 40.15
C ALA B 616 -5.83 -14.46 40.92
N SER B 617 -4.62 -14.81 41.34
CA SER B 617 -4.39 -16.04 42.08
C SER B 617 -3.37 -15.80 43.17
N ILE B 618 -3.37 -16.68 44.18
CA ILE B 618 -2.40 -16.56 45.26
C ILE B 618 -0.99 -16.80 44.74
N GLY B 619 -0.82 -17.68 43.76
CA GLY B 619 0.48 -17.86 43.16
C GLY B 619 0.97 -16.63 42.42
N GLN B 620 0.06 -15.98 41.68
CA GLN B 620 0.42 -14.73 41.01
C GLN B 620 0.75 -13.65 42.02
N ALA B 621 0.02 -13.60 43.13
CA ALA B 621 0.34 -12.65 44.20
C ALA B 621 1.71 -12.92 44.78
N SER B 622 2.06 -14.20 44.98
CA SER B 622 3.36 -14.55 45.53
C SER B 622 4.49 -14.11 44.63
N ARG B 623 4.25 -14.04 43.32
CA ARG B 623 5.27 -13.59 42.38
C ARG B 623 5.50 -12.08 42.44
N ILE B 624 4.65 -11.34 43.16
CA ILE B 624 4.85 -9.90 43.31
C ILE B 624 6.04 -9.65 44.22
N SER B 625 6.82 -8.61 43.90
CA SER B 625 7.94 -8.23 44.76
C SER B 625 7.43 -7.46 45.97
N GLY B 626 7.86 -7.89 47.16
CA GLY B 626 7.46 -7.26 48.40
C GLY B 626 6.52 -8.07 49.26
N VAL B 627 6.08 -9.23 48.81
CA VAL B 627 5.22 -10.12 49.60
C VAL B 627 6.03 -11.38 49.94
N THR B 628 5.90 -11.82 51.18
CA THR B 628 6.64 -12.93 51.75
C THR B 628 5.71 -14.09 52.06
N PRO B 629 6.25 -15.30 52.29
CA PRO B 629 5.38 -16.44 52.58
C PRO B 629 4.51 -16.25 53.82
N ALA B 630 4.91 -15.40 54.76
CA ALA B 630 4.04 -15.09 55.88
C ALA B 630 2.75 -14.43 55.40
N ALA B 631 2.86 -13.51 54.44
CA ALA B 631 1.68 -12.83 53.93
C ALA B 631 0.72 -13.81 53.26
N ILE B 632 1.25 -14.71 52.43
CA ILE B 632 0.36 -15.66 51.76
C ILE B 632 -0.22 -16.66 52.74
N SER B 633 0.52 -17.03 53.78
CA SER B 633 -0.04 -17.91 54.81
C SER B 633 -1.20 -17.25 55.54
N ILE B 634 -1.02 -15.98 55.93
CA ILE B 634 -2.11 -15.25 56.59
C ILE B 634 -3.29 -15.09 55.65
N LEU B 635 -3.01 -14.86 54.36
CA LEU B 635 -4.10 -14.74 53.39
C LEU B 635 -4.87 -16.05 53.27
N LEU B 636 -4.16 -17.18 53.24
CA LEU B 636 -4.82 -18.48 53.19
C LEU B 636 -5.67 -18.71 54.43
N VAL B 637 -5.16 -18.33 55.60
CA VAL B 637 -5.95 -18.47 56.83
C VAL B 637 -7.22 -17.64 56.75
N TRP B 638 -7.11 -16.40 56.25
CA TRP B 638 -8.27 -15.54 56.13
C TRP B 638 -9.29 -16.11 55.14
N LEU B 639 -8.80 -16.63 54.01
CA LEU B 639 -9.69 -17.25 53.02
C LEU B 639 -10.42 -18.45 53.62
N LYS B 640 -9.70 -19.28 54.38
CA LYS B 640 -10.36 -20.42 55.03
C LYS B 640 -11.40 -19.94 56.04
N LYS B 641 -11.11 -18.86 56.76
CA LYS B 641 -12.09 -18.33 57.71
C LYS B 641 -13.35 -17.86 56.99
N GLN B 642 -13.19 -17.11 55.91
CA GLN B 642 -14.34 -16.56 55.21
C GLN B 642 -15.04 -17.56 54.30
N GLY B 643 -14.47 -18.74 54.10
CA GLY B 643 -15.11 -19.73 53.25
C GLY B 643 -15.09 -19.41 51.78
N MET B 644 -14.25 -18.46 51.35
CA MET B 644 -14.14 -18.10 49.94
C MET B 644 -13.34 -19.11 49.14
N LEU B 645 -12.89 -20.20 49.75
CA LEU B 645 -12.18 -21.28 49.08
C LEU B 645 -12.82 -22.61 49.42
N ARG B 646 -12.96 -23.47 48.42
CA ARG B 646 -13.49 -24.82 48.65
C ARG B 646 -12.49 -25.67 49.43
N ARG B 647 -11.24 -25.69 48.98
CA ARG B 647 -10.15 -26.33 49.72
C ARG B 647 -8.84 -25.83 49.15
N SER B 648 -7.77 -25.99 49.92
CA SER B 648 -6.42 -25.58 49.52
C SER B 648 -5.48 -26.75 49.79
N ALA B 649 -5.35 -27.65 48.83
CA ALA B 649 -4.51 -28.83 49.00
C ALA B 649 -3.59 -29.04 47.79
PA FAD C . -4.10 12.92 -6.78
O1A FAD C . -3.82 11.51 -7.13
O2A FAD C . -5.17 13.21 -5.78
O5B FAD C . -2.74 13.63 -6.32
C5B FAD C . -2.40 13.48 -4.92
C4B FAD C . -1.04 12.86 -4.80
O4B FAD C . -0.05 13.90 -4.63
C3B FAD C . -0.85 11.93 -3.59
O3B FAD C . 0.16 10.97 -3.84
C2B FAD C . -0.42 12.93 -2.50
O2B FAD C . 0.32 12.32 -1.47
C1B FAD C . 0.44 13.90 -3.29
N9A FAD C . 0.38 15.27 -2.79
C8A FAD C . -0.68 16.14 -2.93
N7A FAD C . -0.48 17.31 -2.38
C5A FAD C . 0.79 17.22 -1.84
C6A FAD C . 1.58 18.14 -1.13
N6A FAD C . 1.19 19.37 -0.82
N1A FAD C . 2.82 17.72 -0.73
C2A FAD C . 3.21 16.48 -1.05
N3A FAD C . 2.55 15.53 -1.71
C4A FAD C . 1.34 15.96 -2.09
N1 FAD C . -12.22 10.24 -11.27
C2 FAD C . -13.03 10.45 -12.35
O2 FAD C . -12.60 10.39 -13.50
N3 FAD C . -14.38 10.72 -12.14
C4 FAD C . -15.01 10.81 -10.91
O4 FAD C . -16.20 11.06 -10.82
C4X FAD C . -14.16 10.60 -9.82
N5 FAD C . -14.70 10.68 -8.63
C5X FAD C . -13.89 10.47 -7.55
C6 FAD C . -14.46 10.54 -6.27
C7 FAD C . -13.71 10.34 -5.13
C7M FAD C . -14.36 10.42 -3.78
C8 FAD C . -12.33 10.06 -5.26
C8M FAD C . -11.48 9.84 -4.04
C9 FAD C . -11.75 9.98 -6.51
C9A FAD C . -12.51 10.18 -7.68
N10 FAD C . -11.97 10.12 -8.96
C10 FAD C . -12.76 10.31 -10.07
C1' FAD C . -10.54 9.81 -9.16
C2' FAD C . -9.64 11.05 -9.20
O2' FAD C . -9.91 11.81 -10.37
C3' FAD C . -8.17 10.62 -9.18
O3' FAD C . -8.01 9.59 -8.20
C4' FAD C . -7.17 11.75 -8.87
O4' FAD C . -7.87 12.85 -8.31
C5' FAD C . -6.42 12.19 -10.11
O5' FAD C . -5.00 12.11 -9.86
P FAD C . -4.16 13.45 -9.66
O1P FAD C . -2.72 13.16 -9.86
O2P FAD C . -4.78 14.53 -10.47
O3P FAD C . -4.42 13.74 -8.11
PA FAD D . -0.30 -1.03 15.00
O1A FAD D . 0.20 -1.83 13.86
O2A FAD D . 0.12 0.40 15.12
O5B FAD D . -1.90 -1.09 15.01
C5B FAD D . -2.59 -0.06 14.29
C4B FAD D . -3.47 -0.67 13.23
O4B FAD D . -4.83 -0.72 13.71
C3B FAD D . -3.55 0.09 11.91
O3B FAD D . -3.89 -0.77 10.83
C2B FAD D . -4.67 1.10 12.20
O2B FAD D . -5.31 1.56 11.03
C1B FAD D . -5.63 0.25 13.05
N9A FAD D . -6.34 1.03 14.05
C8A FAD D . -5.82 1.58 15.18
N7A FAD D . -6.69 2.23 15.92
C5A FAD D . -7.87 2.10 15.21
C6A FAD D . -9.17 2.57 15.45
N6A FAD D . -9.51 3.29 16.53
N1A FAD D . -10.14 2.27 14.54
C2A FAD D . -9.80 1.55 13.48
N3A FAD D . -8.61 1.06 13.13
C4A FAD D . -7.68 1.36 14.06
N1 FAD D . 9.13 -1.78 17.24
C2 FAD D . 10.05 -2.27 18.13
O2 FAD D . 10.09 -3.47 18.43
N3 FAD D . 10.96 -1.40 18.72
C4 FAD D . 11.05 -0.05 18.50
O4 FAD D . 11.88 0.65 19.06
C4X FAD D . 10.09 0.44 17.58
N5 FAD D . 10.12 1.72 17.34
C5X FAD D . 9.20 2.22 16.45
C6 FAD D . 9.23 3.60 16.17
C7 FAD D . 8.34 4.16 15.29
C7M FAD D . 8.39 5.64 15.01
C8 FAD D . 7.37 3.35 14.65
C8M FAD D . 6.39 3.94 13.69
C9 FAD D . 7.34 1.99 14.92
C9A FAD D . 8.25 1.39 15.82
N10 FAD D . 8.24 0.04 16.11
C10 FAD D . 9.16 -0.49 17.00
C1' FAD D . 7.26 -0.87 15.47
C2' FAD D . 5.95 -0.99 16.22
O2' FAD D . 6.14 -1.75 17.42
C3' FAD D . 4.90 -1.68 15.33
O3' FAD D . 4.93 -1.06 14.04
C4' FAD D . 3.48 -1.64 15.86
O4' FAD D . 3.35 -0.60 16.83
C5' FAD D . 3.05 -2.96 16.49
O5' FAD D . 1.82 -3.40 15.88
P FAD D . 0.46 -3.28 16.70
O1P FAD D . -0.56 -4.19 16.10
O2P FAD D . 0.75 -3.40 18.15
O3P FAD D . 0.04 -1.77 16.36
#